data_3CNF
#
_entry.id   3CNF
#
loop_
_entity.id
_entity.type
_entity.pdbx_description
1 polymer VP1
2 polymer VP3
#
loop_
_entity_poly.entity_id
_entity_poly.type
_entity_poly.pdbx_seq_one_letter_code
_entity_poly.pdbx_strand_id
1 'polypeptide(L)'
;MHSTNNNSNKRNNEEKHKQPEIDSSANNGEGTSGTRAQTVGDTATEAGVRNETEAGASTRRQTDGTGLSGTNAKIATASS
ARQADVEKPADVTFTIENVDDVGIMQQKKPPTVVQSRTDVFNEQFANEALHPTTKVIFNGLDVNTEVQPLSDDFKQISDP
KGYLTYSVKYEDQFTKKDKLRASEADDRIVGPTVNLFKYGAAVVNIDLNRDFFDTATGIDLTKGIPLVQDLLVPIGVTAG
AEQSAEYVSGLLMVLFKVMTDNRLVIVGETTTPMSNTLSTVVNNVLRTTYHNNVGVNPALLRDFTQVNWLNRDITNMLQQ
AGTKYGLGLTETRLDYVRLVKTIVGHALNIDHFAASVLNINLRALMEANVTADDRIKALQAHSMISTQFHGPNQGALRPE
LAFDHDHIIRCLMLAAANYPRLEGIIVQINTGYVASANVIRPVSEKRYFPENLEQNQSAARLVSAVKARASEADISSIHL
AIAREVSPMFNVHELKKIAESFEDPSSIVVVLEFILFALFFPTEFNRIKGDIQNVLLLFFSRWYPVEYGIFVQRGATYTI
NAAGEFEFSGRNEKWDQALYLSEHFPALFSDVPLAGANTIIAIMRLFTPQGFLRTDDLAIAANFPRASRNPQTYIPYTNQ
RGTVTNEFASRFRTIVATLANVVNERAVQDDMQKATRSCTKQWLRHLETQFDNIAVAHTDHLSVVYATMSNFMLNFTNNF
SGNHATFKPDQYVITSPEGSYKPIIERQGETVDGLTIIDTSIVWPILCQCTYPLVRQSGKGVDAVSIMEEIVYPDPSTTL
SQSLSVAQVLSKLTLPDAFINMILSGGDSVVMRTYQTEADDDLDEGIRMTTYDQYLSHIRERLHITNVPDPIYITGASTP
DQIAASVQATHVAVVLYQSGVINGPASTYLRENEVLVVMPDYYDVVSRFANANLQMNNNRYHESVLEIADIFDQADFIQT
SDAVRQLRALMPTLSTSQIRHAIERIAQITDVDSTDYGKLTLRFLGTLTRSLKMQNAQIRRIRPDGTVLRYDDQIDIEAF
RWSRYFLDELQLRRLSVGLRLITNPRIARRFNGVRIMYLTDDDPDPDFVPDVPEGYVAVQYAHRLFSSSLANKRNRVTYT
HPPTGMAYPSPTGRPHVHMTINERAGMSKLVADNIIASVIKSNWVVDILDIEYTAEVMTPSEGYTQHVDAESIMTAPKGK
LFHLQFMDGLLRPEPSAFDPPASGEDMRLIYPLQPISVARSMRAIVNHNEVDRPRGAVAPSSYEMDTGTLSRNGDLLYSP
VANGQVGIPKLEVDHISFSNVVSMMTANIRTGDDMAVERVNPDDVRAINIRNA
;
A,B
2 'polypeptide(L)'
;MWHYTSINNDTRVALDPKPNQIRTITKPNTVPQLGTDYLYTFNSQRRSHTLRLLGPFQYFNFSETDRGHPLFRLPLKYPS
KAIPADELIDNLHSWMRSVHLLHVRSEDNTLRYNWMLGVYARSTNYTTPVGQLVVNAPAILNYSNPQDAFNSVFVALGID
YIDIPITNSNIFDDSSTPYNVRIWHAPTMTEVNHILALMRKSTLVSTHSSWHWDVLHTFHYRSESDMIDHFAAKILEDWR
QKEKLDKGALVEADRVVQRLIPLSSSTYVQRLAAIGALYPNEFTENVLDLSRLSTALLQLSDTYYQHANDQLRRLYRRMY
NDSRTLYMTQRHQELLLAQITADPNILLYPYTYIFTTAYTSMNYISNTGQGRIKHSLAVTGTTEHTIADITLGPMSEDVV
TISMVEPMSIAAEDMYGYVLDTPTRDIWPADEQIEQKGDAVALYDTKTSRALGMFNNTVRIDDLLSPLLGLVYRTYIKGD
TMTMTQGSLDHLTLCAAVDSDITFVGNRMIAPLAEGYIPKAMHRNNSTMKMLSLYVALKKLENFTTNSYLMAPDTSIILL
GAEREPAVSILRRFNRSVSNVRIIGMGDRAVEPNIRVRVPFPIDKNISADFIICDINSYEDQSFESMFGETISVVTTCAS
AATRVLVKINHPSEYMINSVIERLSQLGGVFYHTALLKTASQNPYSYETYIYITPIAAAVRFPFYSNSAIINRYMTAVAD
DETPIIPSIHTVIKGHSNTYSPGLFCGCIDVQSAPFALSQLKSYCSEATTWRVDSDDNLVNIIARIDPARIALEFRTRSN
TSAYHEYQRYVPNGLGFKGRKTREFRYIHREVTFIHKLMTYALIREQISLTENMTQVVSIGGRNLADISVVPLNMKYVVI
DPATRIETLTQEKKNIEVQSRPFSFDAASMDLENNSIYLFIAVIMNEPNGAATPARTQMDKIRNVATAMLTRTNCVAYIS
FYEAGIITRLDQSTAHKTIRVEEGRLKVANYVPVDTLVEADVTLMLRDIGITHEIIRPSTPELINACSNYGIRLGSTGGA
VLDVFNHYSPVIKLVRS
;
T
#
# COMPACT_ATOMS: atom_id res chain seq x y z
CA PHE A 174 63.21 -20.90 -29.41
CA THR A 175 60.05 -22.35 -27.91
CA LYS A 176 58.46 -22.39 -31.36
CA LYS A 177 61.51 -23.78 -33.14
CA ASP A 178 61.89 -26.37 -30.34
CA LYS A 179 58.19 -27.35 -30.27
CA LEU A 180 58.22 -27.90 -34.01
CA ARG A 181 61.57 -30.20 -34.29
CA ALA A 182 59.75 -33.47 -33.53
CA SER A 183 59.14 -34.21 -37.23
CA GLU A 184 62.22 -33.06 -39.24
CA ALA A 185 65.74 -31.73 -39.22
CA ASP A 186 67.46 -28.40 -38.63
CA ASP A 187 66.05 -25.06 -39.72
CA ARG A 188 63.63 -22.18 -39.15
CA ILE A 189 64.84 -18.65 -39.86
CA VAL A 190 64.07 -15.73 -37.54
CA GLY A 191 66.32 -13.18 -35.59
CA PRO A 192 65.15 -11.08 -32.59
CA THR A 193 67.83 -9.34 -30.51
CA VAL A 194 65.00 -9.17 -28.01
CA ASN A 195 62.11 -10.90 -29.68
CA LEU A 196 58.49 -11.79 -29.29
CA PHE A 197 57.90 -13.49 -25.92
CA LYS A 198 54.49 -14.41 -24.69
CA TYR A 199 54.30 -17.15 -22.04
CA GLY A 200 51.16 -17.98 -20.27
CA ALA A 201 48.91 -19.62 -22.30
CA ALA A 202 47.45 -22.95 -21.28
CA VAL A 203 43.72 -23.10 -21.91
CA VAL A 204 44.00 -21.18 -25.15
CA ASN A 205 42.97 -23.29 -28.08
CA ILE A 206 39.59 -23.48 -26.38
CA ASP A 207 39.55 -19.76 -25.70
CA LEU A 208 40.53 -18.97 -29.32
CA ASN A 209 37.81 -21.01 -30.36
CA ARG A 210 35.16 -19.38 -28.10
CA ASP A 211 33.95 -15.74 -28.62
CA PHE A 212 35.16 -13.41 -25.89
CA PHE A 213 38.29 -11.21 -25.81
CA ASP A 214 40.88 -9.43 -23.68
CA THR A 215 42.90 -10.46 -20.64
CA ALA A 216 40.13 -12.16 -18.58
CA THR A 217 37.33 -11.79 -21.07
CA GLY A 218 34.30 -9.57 -21.57
CA ILE A 219 30.54 -10.06 -22.50
CA ASP A 220 27.62 -8.44 -20.72
CA LEU A 221 24.49 -9.26 -18.00
CA THR A 222 24.90 -7.21 -14.82
CA LYS A 223 23.39 -4.88 -12.28
CA GLY A 224 23.61 -1.13 -13.10
CA ILE A 225 22.64 2.53 -11.95
CA PRO A 226 25.54 4.62 -13.45
CA LEU A 227 28.56 4.00 -10.94
CA VAL A 228 30.57 3.31 -14.12
CA GLN A 229 30.88 -0.31 -14.73
CA ASP A 230 32.23 -2.47 -17.11
CA LEU A 231 34.58 -3.75 -14.54
CA LEU A 232 33.34 -6.87 -12.41
CA VAL A 233 30.35 -7.40 -14.57
CA PRO A 234 32.88 -8.50 -17.16
CA ILE A 235 34.75 -10.67 -14.75
CA GLY A 236 31.41 -12.17 -13.72
CA VAL A 237 30.34 -12.73 -17.32
CA THR A 238 33.68 -14.50 -17.90
CA ALA A 239 33.28 -16.62 -14.80
CA GLY A 240 29.75 -17.62 -15.77
CA ALA A 241 30.90 -18.46 -19.31
CA GLU A 242 33.76 -20.59 -17.92
CA GLN A 243 31.48 -22.74 -15.77
CA SER A 244 28.66 -22.63 -18.35
CA ALA A 245 29.94 -23.81 -21.69
CA GLU A 246 32.18 -26.22 -19.92
CA TYR A 247 29.05 -27.87 -18.58
CA VAL A 248 27.01 -27.77 -21.74
CA SER A 249 29.28 -28.90 -24.22
CA GLY A 250 29.46 -32.78 -24.73
CA LEU A 251 29.93 -32.18 -28.45
CA LEU A 252 31.47 -34.71 -30.84
CA MET A 253 35.08 -35.03 -31.89
CA VAL A 254 37.97 -37.25 -32.95
CA LEU A 255 38.31 -40.05 -35.47
CA ARG A 263 55.33 -43.43 -39.25
CA LEU A 264 59.08 -43.28 -38.79
CA VAL A 265 61.33 -46.24 -37.74
CA ILE A 266 64.91 -46.84 -36.73
CA VAL A 267 67.22 -44.50 -34.86
CA GLY A 268 66.78 -40.68 -35.33
CA GLU A 269 68.55 -39.57 -32.21
CA THR A 270 67.62 -40.06 -28.59
CA THR A 271 64.21 -38.88 -27.69
CA THR A 272 62.65 -41.87 -29.50
CA PRO A 273 64.57 -44.62 -27.65
CA MET A 274 63.60 -43.39 -24.25
CA SER A 275 60.03 -42.83 -25.43
CA ASN A 276 58.57 -43.42 -28.89
CA THR A 277 55.50 -44.77 -30.66
CA LEU A 278 53.16 -44.68 -33.60
CA SER A 279 52.21 -41.71 -35.78
CA THR A 280 48.55 -40.97 -35.68
CA VAL A 281 49.18 -37.62 -33.99
CA VAL A 282 50.79 -34.44 -35.33
CA ASN A 283 51.29 -31.60 -32.94
CA ASN A 284 52.26 -31.37 -29.27
CA VAL A 285 54.60 -28.76 -27.91
CA LEU A 286 56.43 -28.31 -24.43
CA ARG A 287 58.69 -30.05 -21.93
CA THR A 288 60.29 -32.73 -24.10
CA THR A 289 63.66 -30.78 -24.93
CA TYR A 290 67.11 -31.82 -26.00
CA HIS A 291 68.43 -29.05 -28.20
CA GLY A 295 72.21 -17.90 -24.14
CA VAL A 296 73.72 -14.53 -22.49
CA ASN A 297 76.90 -12.86 -20.66
CA PRO A 298 77.68 -14.67 -17.51
CA ALA A 299 76.46 -16.57 -14.78
CA LEU A 300 74.53 -19.89 -14.32
CA LEU A 301 71.12 -19.14 -15.55
CA ARG A 302 69.33 -22.46 -14.92
CA ASP A 303 71.04 -23.67 -18.03
CA PHE A 304 67.92 -25.50 -19.18
CA THR A 305 70.05 -28.29 -20.62
CA GLN A 306 71.37 -28.98 -17.14
CA VAL A 307 68.37 -28.54 -14.99
CA ASN A 308 66.42 -30.72 -17.48
CA TRP A 309 68.71 -33.83 -17.38
CA LEU A 310 68.76 -33.49 -13.64
CA ASN A 311 65.02 -33.37 -13.53
CA ARG A 312 64.54 -36.32 -15.90
CA ASP A 313 66.80 -38.38 -13.88
CA ILE A 314 64.74 -37.59 -10.78
CA THR A 315 61.78 -39.82 -10.01
CA ASN A 316 58.84 -41.21 -11.92
CA MET A 317 57.12 -39.60 -14.61
CA LEU A 318 58.86 -37.98 -17.88
CA GLN A 319 57.30 -38.35 -21.34
CA GLN A 320 55.49 -40.40 -24.00
CA ALA A 321 53.54 -40.16 -27.43
CA GLY A 322 52.72 -43.55 -27.10
CA THR A 323 50.12 -43.63 -29.87
CA LYS A 324 49.15 -47.26 -28.99
CA TYR A 325 46.16 -47.48 -26.77
CA GLY A 326 45.15 -51.12 -26.53
CA LEU A 327 42.61 -53.87 -27.21
CA GLY A 328 40.53 -54.80 -30.23
CA LEU A 329 39.50 -51.36 -30.76
CA THR A 330 40.75 -48.79 -28.25
CA GLU A 331 42.34 -45.37 -27.78
CA THR A 332 45.65 -42.97 -27.62
CA ARG A 333 48.19 -42.81 -24.85
CA LEU A 334 49.18 -39.26 -25.60
CA ASP A 335 47.91 -37.53 -22.49
CA TYR A 336 48.96 -36.21 -18.74
CA VAL A 337 51.55 -39.01 -18.07
CA ARG A 338 53.20 -39.25 -14.69
CA LEU A 339 52.81 -41.92 -12.05
CA VAL A 340 54.74 -43.43 -9.19
CA LYS A 341 57.28 -41.74 -6.96
CA THR A 342 55.79 -43.57 -3.62
CA ILE A 343 57.48 -46.98 -4.01
CA VAL A 344 54.36 -49.00 -3.03
CA GLY A 345 51.71 -46.39 -3.64
CA HIS A 346 50.60 -43.83 -6.13
CA ALA A 347 49.12 -42.54 -9.03
CA LEU A 348 49.05 -39.06 -10.60
CA ASN A 349 46.96 -36.98 -13.55
CA ILE A 350 48.93 -33.92 -12.29
CA ASP A 351 52.27 -32.82 -13.75
CA HIS A 352 54.41 -30.39 -15.69
CA PHE A 353 54.18 -32.31 -19.17
CA ALA A 354 51.35 -30.30 -19.76
CA ALA A 355 49.37 -31.82 -22.24
CA SER A 356 45.82 -30.87 -22.38
CA VAL A 357 44.72 -30.07 -18.85
CA LEU A 358 43.27 -32.62 -17.25
CA ASN A 359 40.18 -32.31 -19.57
CA ILE A 360 40.74 -35.90 -20.49
CA ASN A 361 38.68 -36.68 -17.29
CA LEU A 362 35.51 -35.32 -18.89
CA ARG A 363 36.31 -37.33 -22.06
CA ALA A 364 36.73 -40.46 -19.90
CA LEU A 365 33.32 -39.73 -18.26
CA MET A 366 31.70 -39.41 -21.70
CA GLU A 367 33.46 -42.94 -23.05
CA ALA A 368 32.78 -44.49 -19.65
CA ASN A 369 29.68 -43.32 -20.72
CA VAL A 370 29.48 -45.15 -24.08
CA THR A 371 32.06 -47.75 -23.01
CA ALA A 372 31.51 -48.92 -19.64
CA ASP A 373 27.81 -48.60 -20.64
CA ASP A 374 25.23 -51.31 -19.93
CA ARG A 375 26.11 -52.97 -23.28
CA ILE A 376 22.90 -51.81 -24.24
CA LYS A 377 24.01 -49.79 -27.24
CA ALA A 378 24.14 -52.62 -29.80
CA LEU A 379 21.95 -50.98 -32.73
CA GLN A 380 19.25 -53.18 -31.83
CA ALA A 381 16.39 -53.91 -29.41
CA HIS A 382 15.38 -50.40 -29.15
CA SER A 383 14.54 -50.47 -32.92
CA MET A 384 12.26 -53.51 -32.39
CA ILE A 385 10.52 -51.94 -29.35
CA SER A 386 10.07 -48.66 -31.21
CA THR A 387 8.72 -50.47 -34.27
CA GLN A 388 6.63 -52.44 -31.78
CA PHE A 389 5.09 -49.88 -30.09
CA HIS A 390 4.17 -47.91 -32.95
CA GLY A 391 2.30 -50.35 -35.13
CA PRO A 392 1.16 -53.80 -35.97
CA ASN A 393 0.37 -57.21 -34.28
CA GLN A 394 1.78 -59.91 -36.77
CA GLY A 395 3.75 -57.15 -37.38
CA ALA A 396 6.89 -57.96 -35.48
CA LEU A 397 7.82 -60.38 -38.22
CA ARG A 398 7.45 -58.01 -41.20
CA PRO A 399 9.63 -55.11 -41.92
CA GLU A 400 13.09 -56.09 -43.18
CA LEU A 401 16.00 -55.10 -45.65
CA ALA A 402 13.69 -52.21 -47.02
CA PHE A 403 13.39 -50.55 -43.49
CA ASP A 404 15.77 -47.57 -43.43
CA HIS A 405 16.49 -47.40 -39.70
CA ASP A 406 18.24 -44.59 -37.89
CA HIS A 407 20.82 -44.73 -35.06
CA ILE A 408 18.19 -44.20 -32.32
CA ILE A 409 19.42 -40.64 -32.05
CA ARG A 410 20.06 -40.16 -28.33
CA CYS A 411 17.13 -41.54 -25.74
CA LEU A 412 17.52 -41.84 -21.96
CA MET A 413 15.46 -43.48 -18.83
CA LEU A 414 13.47 -40.98 -15.85
CA ALA A 415 15.51 -38.41 -17.70
CA ALA A 416 13.12 -37.83 -20.34
CA ALA A 417 10.12 -38.10 -18.16
CA ASN A 418 12.09 -35.61 -16.24
CA TYR A 419 12.21 -33.46 -19.30
CA PRO A 420 8.57 -34.10 -20.19
CA ARG A 421 7.40 -33.29 -16.69
CA LEU A 422 9.46 -30.13 -16.79
CA GLU A 423 8.53 -29.15 -20.33
CA GLY A 424 4.84 -29.74 -19.92
CA ILE A 425 4.44 -28.46 -15.97
CA ILE A 426 6.44 -25.64 -17.57
CA VAL A 427 4.43 -25.80 -20.83
CA GLN A 428 1.39 -24.03 -22.22
CA ILE A 429 0.53 -26.84 -24.76
CA ASN A 430 -0.14 -27.22 -28.48
CA THR A 431 -1.75 -30.47 -29.51
CA GLY A 432 0.61 -30.62 -32.55
CA TYR A 433 2.02 -33.93 -31.43
CA VAL A 434 -1.34 -35.57 -30.71
CA ALA A 435 -2.95 -34.13 -33.85
CA SER A 436 0.11 -35.04 -35.91
CA ALA A 437 0.32 -38.51 -34.35
CA ASN A 438 -3.45 -39.10 -34.69
CA VAL A 439 -3.84 -37.82 -38.30
CA ILE A 440 -0.69 -39.86 -39.20
CA ARG A 441 -2.14 -43.02 -37.65
CA PRO A 442 -5.48 -42.44 -39.28
CA VAL A 443 -4.33 -41.72 -42.86
CA SER A 444 -1.94 -44.65 -42.58
CA GLU A 445 -3.95 -46.78 -41.24
CA LYS A 446 -6.14 -45.75 -44.18
CA ARG A 447 -9.19 -47.24 -42.57
CA TYR A 448 -11.58 -44.32 -42.40
CA PHE A 449 -13.63 -43.07 -45.17
CA PRO A 450 -16.43 -40.81 -46.40
CA GLU A 451 -18.76 -40.39 -49.45
CA ASN A 452 -22.13 -39.14 -50.57
CA LEU A 453 -24.14 -39.71 -47.31
CA GLU A 454 -23.97 -42.70 -45.15
CA GLN A 455 -26.08 -44.01 -42.30
CA ASN A 456 -29.11 -41.69 -42.28
CA GLN A 457 -30.86 -44.51 -44.24
CA SER A 458 -33.70 -43.31 -42.38
CA ALA A 459 -35.40 -43.12 -45.70
CA ALA A 460 -36.00 -46.87 -45.29
CA ARG A 461 -38.94 -47.52 -47.61
CA LEU A 462 -40.88 -44.38 -47.37
CA VAL A 463 -39.93 -42.55 -50.31
CA SER A 464 -40.69 -38.91 -48.84
CA ALA A 465 -44.02 -39.97 -47.15
CA VAL A 466 -44.67 -41.46 -43.91
CA LYS A 467 -46.62 -38.23 -43.67
CA ALA A 468 -46.39 -38.27 -39.88
CA ARG A 469 -42.60 -37.75 -40.20
CA ALA A 470 -43.47 -34.55 -41.41
CA SER A 471 -42.19 -32.74 -38.27
CA GLU A 472 -41.08 -36.02 -36.64
CA ALA A 473 -38.77 -37.89 -38.94
CA ASP A 474 -37.56 -34.51 -40.46
CA ILE A 475 -36.64 -32.88 -37.15
CA SER A 476 -33.92 -35.43 -36.40
CA SER A 477 -33.14 -35.21 -40.13
CA ILE A 478 -31.98 -31.77 -39.88
CA HIS A 479 -31.21 -31.94 -36.10
CA LEU A 480 -28.53 -34.78 -36.42
CA ALA A 481 -26.60 -33.20 -39.08
CA ILE A 482 -27.09 -30.21 -37.27
CA ALA A 483 -23.50 -30.23 -36.37
CA ARG A 484 -22.16 -32.42 -39.17
CA GLU A 485 -18.37 -32.15 -39.16
CA VAL A 486 -16.37 -32.14 -42.04
CA SER A 487 -13.06 -33.29 -40.45
CA PRO A 488 -14.00 -36.17 -38.13
CA MET A 489 -10.34 -37.14 -37.63
CA PHE A 490 -10.02 -34.74 -34.85
CA ASN A 491 -12.38 -37.00 -32.94
CA VAL A 492 -10.45 -40.09 -33.90
CA HIS A 493 -7.07 -38.50 -32.86
CA GLU A 494 -8.67 -37.38 -29.59
CA LEU A 495 -10.42 -40.74 -28.72
CA LYS A 496 -7.61 -42.22 -26.57
CA LYS A 497 -3.79 -41.55 -25.48
CA ILE A 498 -3.45 -38.61 -23.08
CA ALA A 499 -1.49 -35.48 -22.98
CA GLU A 500 -1.21 -31.86 -23.64
CA SER A 501 -3.62 -28.82 -22.98
CA PHE A 502 -6.45 -27.41 -20.92
CA GLU A 503 -10.01 -28.35 -19.87
CA ASP A 504 -13.08 -29.85 -21.55
CA PRO A 505 -15.01 -28.87 -24.68
CA SER A 506 -18.63 -29.15 -25.87
CA SER A 507 -21.56 -27.02 -26.95
CA ILE A 508 -25.24 -25.93 -28.12
CA VAL A 509 -28.95 -25.01 -28.07
CA VAL A 510 -32.09 -25.70 -26.05
CA VAL A 511 -34.70 -28.43 -26.44
CA LEU A 512 -37.33 -30.49 -24.47
CA GLU A 513 -40.62 -31.85 -25.67
CA PHE A 514 -42.52 -34.89 -26.89
CA ILE A 515 -41.20 -37.44 -29.49
CA LEU A 516 -38.73 -37.11 -32.36
CA PHE A 517 -36.44 -35.32 -29.91
CA ALA A 518 -36.71 -38.29 -27.61
CA LEU A 519 -35.48 -40.06 -30.64
CA PHE A 520 -32.60 -37.65 -31.24
CA PHE A 521 -31.35 -37.38 -27.65
CA PRO A 522 -32.00 -40.88 -27.00
CA THR A 523 -29.71 -41.70 -29.96
CA GLU A 524 -27.10 -38.90 -29.54
CA PHE A 525 -26.42 -39.89 -25.97
CA ASN A 526 -26.38 -43.65 -26.77
CA ARG A 527 -23.69 -43.22 -29.37
CA ILE A 528 -21.97 -40.48 -27.70
CA LYS A 529 -21.87 -42.84 -24.84
CA GLY A 530 -20.69 -45.93 -26.72
CA ASP A 531 -18.59 -44.07 -28.60
CA ILE A 532 -16.94 -42.05 -26.15
CA GLN A 533 -14.32 -41.56 -23.47
CA ASN A 534 -16.26 -41.22 -20.24
CA VAL A 535 -16.08 -38.06 -18.09
CA LEU A 536 -18.43 -35.39 -19.58
CA LEU A 537 -21.19 -35.03 -17.00
CA LEU A 538 -21.94 -31.35 -17.58
CA PHE A 539 -24.93 -31.22 -19.30
CA PHE A 540 -25.45 -34.99 -19.32
CA SER A 541 -26.11 -34.79 -15.58
CA ARG A 542 -27.96 -31.47 -15.83
CA TRP A 543 -29.39 -32.62 -19.06
CA TYR A 544 -30.54 -35.59 -16.95
CA PRO A 545 -33.10 -33.62 -14.95
CA VAL A 546 -34.05 -32.38 -18.33
CA GLU A 547 -34.77 -35.76 -19.94
CA TYR A 548 -36.59 -36.99 -16.83
CA GLY A 549 -38.82 -34.40 -16.65
CA ILE A 550 -40.26 -34.66 -19.93
CA PHE A 551 -41.58 -38.26 -19.96
CA VAL A 552 -43.05 -37.77 -16.31
CA GLN A 553 -41.34 -38.60 -13.04
CA ARG A 554 -41.92 -39.69 -9.48
CA GLY A 555 -38.78 -39.96 -7.19
CA ALA A 556 -36.11 -37.29 -6.66
CA THR A 557 -33.89 -36.27 -3.91
CA TYR A 558 -30.79 -36.49 -2.33
CA THR A 559 -27.43 -35.53 -3.65
CA ILE A 560 -24.45 -33.24 -2.84
CA ASN A 561 -24.20 -35.19 0.23
CA ALA A 562 -23.71 -38.50 -1.73
CA ALA A 563 -21.57 -36.37 -3.88
CA GLY A 564 -19.24 -36.04 -1.17
CA GLU A 565 -20.29 -39.66 -0.18
CA PHE A 566 -19.44 -41.32 -2.88
CA GLU A 567 -21.36 -41.72 -6.22
CA PHE A 568 -21.05 -38.29 -7.87
CA SER A 569 -23.33 -36.78 -10.45
CA GLY A 570 -26.16 -39.27 -9.86
CA ARG A 571 -25.18 -42.00 -12.19
CA ASN A 572 -24.59 -44.46 -9.28
CA GLU A 573 -27.22 -46.72 -7.66
CA LYS A 574 -29.28 -47.74 -4.62
CA TRP A 575 -32.33 -49.67 -3.59
CA ASP A 576 -34.86 -46.97 -4.04
CA GLN A 577 -37.60 -46.37 -6.57
CA ALA A 578 -39.52 -45.99 -9.87
CA LEU A 579 -36.32 -44.12 -10.89
CA TYR A 580 -34.69 -47.35 -10.91
CA LEU A 581 -36.17 -47.76 -14.38
CA SER A 582 -34.21 -44.63 -15.26
CA GLU A 583 -31.34 -46.15 -13.29
CA HIS A 584 -31.40 -49.30 -15.36
CA PHE A 585 -31.73 -47.32 -18.59
CA PRO A 586 -28.95 -45.02 -17.45
CA ALA A 587 -26.59 -47.74 -16.23
CA LEU A 588 -27.52 -49.94 -19.27
CA PHE A 589 -26.84 -47.20 -21.85
CA SER A 590 -23.41 -46.54 -20.18
CA ASP A 591 -22.12 -50.01 -19.99
CA VAL A 592 -18.60 -50.55 -21.24
CA PRO A 593 -15.74 -52.58 -19.84
CA LEU A 594 -12.12 -53.27 -20.65
CA ALA A 595 -8.38 -52.93 -20.12
CA GLY A 596 -5.03 -52.78 -21.52
CA ALA A 597 -1.93 -53.38 -19.50
CA ASN A 598 1.66 -53.81 -20.47
CA THR A 599 4.14 -52.15 -22.77
CA ILE A 600 7.19 -52.32 -24.41
CA ILE A 601 9.91 -51.15 -21.94
CA ALA A 602 11.06 -47.64 -22.69
CA ILE A 603 8.77 -44.76 -21.77
CA MET A 604 7.94 -42.04 -19.89
CA ARG A 605 4.16 -42.70 -19.94
CA LEU A 606 3.14 -41.79 -16.41
CA PHE A 607 3.34 -42.69 -12.77
CA THR A 608 3.50 -45.85 -10.83
CA PRO A 609 1.99 -49.07 -9.82
CA GLN A 610 1.01 -50.20 -13.25
CA GLY A 611 0.03 -48.29 -16.38
CA PHE A 612 -3.62 -49.56 -16.28
CA LEU A 613 -4.25 -48.64 -20.37
CA ARG A 614 -8.02 -48.70 -20.35
CA THR A 615 -11.69 -48.94 -21.30
CA ASP A 616 -11.61 -51.06 -24.44
CA ASP A 617 -15.38 -51.53 -24.66
CA LEU A 618 -15.61 -49.76 -28.01
CA ALA A 619 -12.34 -51.96 -28.87
CA ILE A 620 -14.28 -55.12 -28.01
CA ALA A 621 -11.41 -58.08 -28.80
CA ALA A 622 -8.01 -56.50 -28.23
CA ASN A 623 -6.22 -59.25 -26.05
CA PHE A 624 -4.76 -61.13 -28.57
CA PRO A 625 -4.15 -61.80 -32.24
CA ARG A 626 -5.65 -61.60 -35.49
CA ALA A 627 -8.55 -64.08 -35.33
CA SER A 628 -12.01 -63.31 -34.01
CA ARG A 629 -15.52 -64.41 -32.23
CA ASN A 630 -18.74 -65.66 -33.80
CA PRO A 631 -21.10 -64.61 -31.03
CA GLN A 632 -19.82 -61.26 -29.74
CA THR A 633 -20.88 -59.51 -32.97
CA TYR A 634 -24.50 -60.29 -32.08
CA ILE A 635 -24.55 -59.77 -28.30
CA PRO A 636 -22.20 -56.82 -28.51
CA TYR A 637 -24.48 -55.22 -31.11
CA THR A 638 -27.46 -57.14 -29.71
CA ASN A 639 -26.45 -55.56 -26.35
CA GLN A 640 -26.80 -52.21 -28.09
CA ARG A 641 -29.72 -53.62 -30.15
CA GLY A 642 -31.45 -55.13 -27.13
CA THR A 643 -30.45 -52.07 -25.34
CA VAL A 644 -31.80 -49.77 -27.89
CA THR A 645 -34.61 -52.14 -28.92
CA ASN A 646 -36.23 -52.25 -25.27
CA GLU A 647 -35.36 -48.62 -24.73
CA PHE A 648 -37.90 -47.88 -27.72
CA ALA A 649 -40.37 -50.32 -26.49
CA SER A 650 -39.95 -48.43 -23.30
CA ARG A 651 -40.47 -45.29 -25.43
CA PHE A 652 -44.05 -46.74 -26.56
CA ARG A 653 -45.72 -47.63 -23.32
CA THR A 654 -45.22 -43.77 -22.71
CA ILE A 655 -46.31 -42.97 -26.25
CA VAL A 656 -50.05 -43.65 -25.65
CA ALA A 657 -50.80 -41.40 -22.69
CA THR A 658 -48.50 -38.83 -24.30
CA LEU A 659 -50.17 -38.84 -27.75
CA ALA A 660 -53.24 -38.21 -29.87
CA ASN A 661 -52.23 -40.44 -32.74
CA VAL A 662 -52.40 -44.15 -33.46
CA VAL A 663 -51.91 -44.71 -37.48
CA ASN A 664 -49.05 -42.29 -38.15
CA GLU A 665 -46.99 -43.76 -35.28
CA ARG A 666 -47.35 -47.32 -36.63
CA ALA A 667 -45.59 -46.01 -39.80
CA VAL A 668 -43.08 -43.57 -38.32
CA GLN A 669 -42.38 -46.44 -35.93
CA ASP A 670 -41.46 -48.48 -38.92
CA ASP A 671 -38.58 -46.25 -39.99
CA MET A 672 -37.02 -46.04 -36.57
CA GLN A 673 -36.66 -49.76 -36.18
CA LYS A 674 -35.42 -50.96 -39.60
CA ALA A 675 -33.33 -47.89 -40.55
CA THR A 676 -31.29 -47.47 -37.31
CA ARG A 677 -30.54 -51.23 -37.21
CA SER A 678 -29.74 -51.47 -40.90
CA CYS A 679 -26.46 -49.66 -40.33
CA THR A 680 -26.16 -51.11 -36.83
CA LYS A 681 -25.16 -54.57 -38.07
CA GLN A 682 -23.45 -53.58 -41.24
CA TRP A 683 -20.39 -51.61 -40.14
CA LEU A 684 -20.04 -53.78 -37.04
CA ARG A 685 -18.42 -56.67 -38.92
CA HIS A 686 -15.72 -54.17 -39.39
CA LEU A 687 -15.87 -52.42 -35.99
CA GLU A 688 -13.70 -54.93 -34.09
CA THR A 689 -10.82 -54.32 -36.57
CA GLN A 690 -11.03 -50.56 -36.20
CA PHE A 691 -9.63 -50.96 -32.65
CA ASP A 692 -6.34 -52.35 -33.94
CA ASN A 693 -5.44 -48.71 -34.58
CA ILE A 694 -6.94 -47.51 -31.29
CA ALA A 695 -4.93 -49.92 -29.19
CA VAL A 696 -1.71 -49.76 -31.21
CA ALA A 697 -1.79 -45.97 -30.84
CA HIS A 698 -2.04 -46.65 -26.92
CA THR A 699 1.02 -48.68 -26.54
CA ASP A 700 2.77 -46.33 -28.78
CA HIS A 701 5.92 -44.62 -28.95
CA LEU A 702 7.60 -41.25 -28.54
CA SER A 703 5.53 -39.73 -25.33
CA VAL A 704 2.20 -39.54 -23.37
CA VAL A 705 0.07 -39.59 -20.30
CA TYR A 706 -2.85 -41.05 -18.44
CA ALA A 707 -6.39 -41.35 -19.67
CA THR A 708 -9.26 -43.73 -19.19
CA MET A 709 -9.91 -43.38 -15.31
CA SER A 710 -13.14 -41.79 -14.20
CA ASN A 711 -15.37 -43.95 -12.13
CA PHE A 712 -18.20 -42.01 -10.12
CA MET A 713 -19.18 -38.56 -9.70
CA LEU A 714 -18.15 -35.03 -8.68
CA ASN A 715 -15.86 -33.47 -6.08
CA PHE A 716 -12.72 -32.00 -7.70
CA THR A 717 -14.41 -31.77 -11.05
CA ASN A 718 -16.26 -28.97 -12.67
CA ASN A 719 -17.38 -26.59 -15.67
CA PHE A 720 -18.40 -26.37 -19.81
CA ALA A 889 0.75 -22.12 -6.72
CA THR A 890 1.91 -23.91 -9.73
CA HIS A 891 -0.73 -26.62 -9.81
CA VAL A 892 -2.74 -26.57 -13.08
CA ALA A 893 -2.36 -29.87 -14.77
CA VAL A 894 -5.76 -30.38 -16.36
CA VAL A 895 -7.09 -26.93 -15.66
CA LEU A 896 -6.50 -23.78 -17.60
CA TYR A 897 -8.01 -20.94 -19.63
CA GLN A 898 -9.71 -20.18 -22.96
CA SER A 899 -7.11 -21.66 -25.23
CA GLY A 900 -9.47 -23.27 -27.66
CA VAL A 901 -8.11 -25.04 -30.72
CA ILE A 902 -10.02 -28.32 -31.39
CA ASN A 903 -9.82 -29.26 -28.05
CA GLY A 904 -13.62 -29.11 -28.42
CA PRO A 905 -16.39 -31.60 -29.14
CA ALA A 906 -19.53 -31.78 -31.11
CA SER A 907 -21.90 -34.13 -32.87
CA THR A 908 -21.13 -37.49 -34.47
CA TYR A 909 -24.21 -39.61 -35.21
CA LEU A 910 -24.26 -38.44 -38.82
CA ARG A 911 -21.02 -40.20 -39.81
CA GLU A 912 -22.23 -43.32 -38.18
CA ASN A 913 -22.17 -44.53 -41.79
CA GLU A 914 -19.49 -42.56 -43.64
CA VAL A 915 -16.38 -44.51 -43.43
CA LEU A 916 -17.11 -47.82 -45.14
CA VAL A 917 -13.99 -48.01 -47.40
CA VAL A 918 -13.10 -50.99 -45.25
CA MET A 919 -16.26 -53.11 -46.48
CA PRO A 920 -17.49 -56.21 -45.80
CA ASP A 921 -17.52 -56.00 -49.49
CA TYR A 922 -14.65 -58.38 -50.15
CA TYR A 923 -10.90 -58.06 -50.91
CA ASP A 924 -10.33 -54.53 -49.60
CA VAL A 925 -6.87 -55.83 -48.05
CA VAL A 926 -3.21 -54.78 -47.99
CA SER A 927 -3.85 -51.12 -47.47
CA ARG A 928 -3.80 -51.10 -43.70
CA PHE A 929 -0.58 -53.13 -43.84
CA ALA A 930 0.99 -50.29 -45.87
CA ASN A 931 -0.13 -47.52 -43.41
CA ALA A 932 1.01 -49.39 -40.30
CA ASN A 933 4.45 -49.86 -41.84
CA LEU A 934 4.48 -46.22 -42.88
CA GLN A 935 3.00 -45.25 -39.48
CA MET A 936 5.74 -47.28 -37.72
CA ASN A 937 8.28 -45.49 -39.94
CA ASN A 938 6.09 -42.37 -39.61
CA ASN A 939 5.13 -42.84 -35.97
CA ARG A 940 8.83 -43.18 -35.13
CA TYR A 941 9.72 -40.05 -37.15
CA HIS A 942 6.85 -37.84 -35.80
CA GLU A 943 7.91 -38.93 -32.22
CA SER A 944 11.56 -38.14 -33.00
CA VAL A 945 10.64 -34.71 -34.42
CA LEU A 946 8.45 -34.01 -31.38
CA GLU A 947 11.23 -34.85 -28.85
CA ILE A 948 14.39 -33.91 -30.74
CA ALA A 949 12.52 -30.79 -31.85
CA ASP A 950 10.95 -30.30 -28.29
CA ILE A 951 13.95 -31.28 -26.17
CA PHE A 952 15.94 -28.53 -27.88
CA ASP A 953 13.64 -25.85 -26.49
CA GLN A 954 13.45 -27.47 -22.98
CA ALA A 955 17.25 -27.28 -22.89
CA ASP A 956 16.81 -23.58 -23.69
CA PHE A 957 14.35 -23.74 -20.84
CA ILE A 958 16.75 -25.64 -18.57
CA GLN A 959 19.50 -23.12 -19.50
CA THR A 960 17.24 -20.49 -18.04
CA SER A 961 17.10 -22.56 -14.85
CA ASP A 962 20.82 -23.35 -14.83
CA ALA A 963 21.28 -19.75 -14.70
CA VAL A 964 18.83 -19.12 -11.52
CA ARG A 965 18.88 -22.66 -10.15
CA GLN A 966 22.39 -23.35 -8.88
CA LEU A 967 22.42 -20.08 -6.94
CA ARG A 968 19.94 -21.16 -4.47
CA ALA A 969 21.86 -24.16 -3.14
CA LEU A 970 21.10 -27.64 -4.39
CA MET A 971 21.88 -28.60 -1.00
CA PRO A 972 19.51 -30.96 0.07
CA THR A 973 21.68 -33.61 1.76
CA LEU A 974 24.89 -32.05 3.04
CA SER A 975 24.03 -28.45 3.89
CA THR A 976 27.15 -27.55 1.92
CA SER A 977 27.80 -26.15 -1.54
CA GLN A 978 31.19 -27.02 -2.29
CA ILE A 979 31.51 -23.64 -4.00
CA ARG A 980 30.23 -21.76 -0.92
CA HIS A 981 33.12 -19.86 -0.41
CA ALA A 982 33.35 -19.10 -4.11
CA ILE A 983 29.67 -18.32 -4.70
CA GLU A 984 29.47 -16.49 -1.38
CA ARG A 985 32.59 -14.80 -2.77
CA ILE A 986 31.08 -14.57 -6.26
CA ALA A 987 27.70 -13.46 -4.91
CA GLN A 988 29.56 -10.73 -2.92
CA ILE A 989 31.54 -9.73 -5.80
CA THR A 990 28.30 -9.60 -8.26
CA ASP A 991 25.34 -7.82 -6.64
CA VAL A 992 22.01 -8.77 -5.13
CA ASP A 993 20.20 -7.66 -8.16
CA SER A 994 16.42 -7.44 -8.01
CA THR A 995 16.02 -10.12 -10.77
CA ASP A 996 14.26 -7.81 -13.25
CA TYR A 997 17.29 -7.90 -15.62
CA GLY A 998 17.83 -11.58 -14.80
CA LYS A 999 15.21 -12.31 -17.47
CA LEU A 1000 16.60 -9.67 -19.83
CA THR A 1001 20.16 -10.86 -19.06
CA LEU A 1002 18.92 -14.35 -19.94
CA ARG A 1003 17.22 -12.75 -22.94
CA PHE A 1004 20.51 -11.40 -24.41
CA LEU A 1005 22.68 -14.16 -23.07
CA GLY A 1006 20.63 -16.91 -24.71
CA THR A 1007 21.53 -15.67 -28.22
CA LEU A 1008 25.13 -16.83 -28.04
CA THR A 1009 24.28 -20.39 -26.99
CA ARG A 1010 22.87 -21.16 -30.60
CA SER A 1011 20.77 -22.26 -32.98
CA LEU A 1012 19.17 -25.65 -32.90
CA LYS A 1013 17.24 -26.73 -36.03
CA MET A 1014 15.02 -29.60 -37.47
CA GLN A 1015 13.06 -28.85 -40.14
CA ASN A 1016 10.05 -29.77 -37.93
CA ALA A 1017 11.79 -28.89 -34.65
CA GLN A 1018 12.02 -25.40 -36.12
CA ILE A 1019 8.44 -25.03 -37.40
CA ARG A 1020 7.11 -26.73 -34.26
CA ARG A 1021 9.03 -24.32 -32.07
CA ILE A 1022 7.62 -21.31 -33.92
CA ARG A 1023 4.10 -21.98 -32.76
CA PRO A 1024 5.15 -21.52 -29.08
CA ASP A 1025 4.50 -18.45 -26.88
CA GLY A 1026 7.60 -17.14 -25.06
CA THR A 1027 7.80 -17.07 -21.27
CA VAL A 1028 7.83 -19.67 -18.37
CA LEU A 1029 8.00 -18.56 -14.80
CA ARG A 1030 8.33 -20.15 -11.30
CA TYR A 1031 11.05 -20.65 -8.69
CA ASP A 1032 13.09 -23.42 -7.13
CA ASP A 1033 12.81 -27.11 -6.43
CA GLN A 1034 9.34 -28.31 -7.32
CA ILE A 1035 6.12 -26.40 -7.86
CA ASP A 1036 2.93 -28.11 -9.11
CA ILE A 1037 0.76 -31.24 -9.08
CA GLU A 1038 2.77 -33.71 -6.96
CA ALA A 1039 5.79 -31.64 -6.10
CA PHE A 1040 6.95 -33.83 -3.21
CA ARG A 1041 3.62 -35.54 -2.62
CA TRP A 1042 -0.15 -34.69 -4.38
CA SER A 1043 -3.13 -32.41 -4.93
CA ARG A 1044 -5.49 -31.92 -2.07
CA TYR A 1045 -3.90 -32.01 1.03
CA PHE A 1046 -1.53 -29.49 -0.65
CA LEU A 1047 1.44 -31.82 -0.22
CA ASP A 1048 3.07 -34.88 1.30
CA GLU A 1049 5.69 -37.58 1.71
CA LEU A 1050 5.48 -39.03 -1.86
CA GLN A 1051 8.82 -39.64 -3.54
CA LEU A 1052 10.90 -38.58 -6.11
CA ARG A 1053 13.44 -36.03 -5.32
CA ARG A 1054 13.74 -33.89 -8.48
CA LEU A 1055 16.86 -32.32 -9.96
CA SER A 1056 16.38 -30.21 -13.09
CA VAL A 1057 19.94 -31.12 -13.71
CA GLY A 1058 21.03 -32.44 -17.12
CA LEU A 1059 23.42 -35.11 -18.35
CA ARG A 1060 26.87 -34.28 -19.20
CA LEU A 1061 25.99 -32.12 -16.22
CA ILE A 1062 25.95 -35.21 -13.99
CA THR A 1063 29.44 -36.37 -13.75
CA ASN A 1064 30.10 -33.12 -15.84
CA PRO A 1065 28.70 -30.98 -13.27
CA ARG A 1066 31.11 -32.61 -11.03
CA ILE A 1067 34.07 -31.73 -13.39
CA ALA A 1068 32.72 -28.17 -13.62
CA ARG A 1069 33.57 -28.11 -9.92
CA ARG A 1070 37.06 -29.65 -10.32
CA PHE A 1071 37.76 -27.12 -13.07
CA ASN A 1072 36.54 -24.30 -10.80
CA GLY A 1073 38.51 -25.64 -7.87
CA VAL A 1074 41.06 -25.42 -10.67
CA ARG A 1075 40.30 -21.80 -11.55
CA ILE A 1076 42.15 -21.31 -8.22
CA MET A 1077 45.07 -23.86 -8.85
CA TYR A 1078 46.25 -22.28 -12.15
CA LEU A 1079 45.25 -18.91 -10.77
CA THR A 1080 43.20 -15.82 -11.62
CA ASP A 1081 44.01 -12.06 -12.22
CA ASP A 1082 44.26 -9.81 -9.16
CA ASP A 1083 47.68 -9.32 -6.94
CA PRO A 1084 48.49 -7.19 -3.75
CA ASP A 1085 50.81 -4.80 -1.90
CA PRO A 1086 50.01 -1.25 -0.59
CA ASP A 1087 52.30 1.10 -2.39
CA PHE A 1088 52.89 4.78 -2.36
CA VAL A 1089 56.40 5.26 -3.93
CA PRO A 1090 58.86 8.10 -4.54
CA ASP A 1091 60.57 7.00 -7.76
CA VAL A 1092 59.81 8.31 -11.25
CA PRO A 1093 62.40 8.47 -13.88
CA GLU A 1094 66.33 9.58 -14.30
CA GLY A 1095 69.34 7.14 -14.52
CA ALA A 1098 75.56 2.02 -20.58
CA VAL A 1099 78.47 0.44 -18.78
CA GLN A 1100 77.07 -2.86 -17.61
CA TYR A 1101 74.44 -3.57 -20.20
CA ALA A 1102 70.86 -3.41 -20.04
CA HIS A 1103 68.54 -5.14 -22.55
CA ARG A 1104 65.04 -4.03 -21.48
CA LEU A 1105 64.69 -5.48 -17.66
CA PHE A 1106 61.72 -5.62 -15.27
CA SER A 1107 60.89 -5.78 -11.57
CA SER A 1108 57.68 -6.07 -9.55
CA SER A 1109 58.25 -7.39 -6.04
CA LEU A 1110 58.90 -3.96 -4.55
CA ALA A 1111 57.76 -4.63 -1.22
CA ASN A 1112 59.05 -1.13 -0.49
CA LYS A 1113 58.65 -1.10 3.31
CA ARG A 1114 58.45 2.30 5.64
CA ASN A 1115 59.93 3.07 9.02
CA ARG A 1116 57.75 5.48 10.92
CA VAL A 1117 54.23 6.54 11.28
CA THR A 1118 50.89 4.98 10.28
CA TYR A 1119 47.14 5.17 10.75
CA THR A 1120 43.36 5.12 9.37
CA HIS A 1121 42.05 8.08 7.35
CA PRO A 1122 38.70 9.52 6.51
CA PRO A 1123 36.42 12.84 7.13
CA THR A 1124 35.93 13.79 10.78
CA GLY A 1125 39.65 14.59 10.66
CA MET A 1126 40.99 15.87 7.28
CA ALA A 1127 40.54 19.67 7.19
CA TYR A 1128 41.35 22.69 5.07
CA PRO A 1129 42.68 26.41 6.11
CA SER A 1130 41.46 29.84 4.83
CA PRO A 1131 42.79 32.22 7.53
CA THR A 1132 46.19 32.49 9.35
CA GLY A 1133 48.54 34.43 7.09
CA ARG A 1134 46.71 34.50 3.77
CA PRO A 1135 45.11 31.19 2.82
CA HIS A 1136 45.59 27.48 1.81
CA VAL A 1137 44.69 23.70 2.10
CA HIS A 1138 45.95 20.68 4.08
CA MET A 1139 45.32 19.34 7.61
CA THR A 1140 45.11 16.20 9.87
CA ILE A 1141 46.33 13.94 12.85
CA ASN A 1142 44.01 12.27 15.35
CA GLU A 1143 46.14 10.83 18.16
CA ARG A 1144 47.50 14.05 19.74
CA ALA A 1145 47.47 17.69 18.63
CA GLY A 1146 49.73 18.53 15.68
CA MET A 1147 49.99 18.79 11.98
CA SER A 1148 49.84 21.59 9.42
CA LYS A 1149 50.37 21.21 5.67
CA LEU A 1150 53.50 20.65 3.73
CA VAL A 1151 53.55 17.48 5.75
CA ALA A 1152 55.99 14.59 5.86
CA ASP A 1153 53.63 11.87 6.84
CA ASN A 1154 52.73 8.21 7.41
CA ILE A 1155 51.28 5.00 5.99
CA ILE A 1156 47.54 5.81 5.49
CA ALA A 1157 44.51 3.58 4.93
CA SER A 1158 41.45 4.69 2.97
CA VAL A 1159 38.93 2.29 1.47
CA ILE A 1160 37.01 4.68 -0.79
CA LYS A 1161 34.74 7.72 -0.94
CA SER A 1162 34.07 10.72 -3.05
CA ASN A 1163 34.66 14.09 -1.40
CA TRP A 1164 35.16 17.80 -2.03
CA VAL A 1165 37.68 18.12 -4.90
CA VAL A 1166 39.68 20.92 -3.27
CA ASP A 1167 40.96 18.30 -0.80
CA ILE A 1168 42.15 15.64 -3.35
CA LEU A 1169 44.98 18.03 -4.28
CA ASP A 1170 46.11 18.69 -0.72
CA ILE A 1171 46.05 14.93 -0.05
CA GLU A 1172 48.10 14.25 -3.13
CA TYR A 1173 50.63 16.97 -2.23
CA THR A 1174 50.99 15.31 1.17
CA ALA A 1175 51.39 11.81 -0.31
CA GLU A 1176 53.96 13.15 -2.79
CA VAL A 1177 56.22 14.65 -0.14
CA MET A 1178 55.51 11.77 2.24
CA THR A 1179 53.26 8.92 1.82
CA PRO A 1180 52.23 5.52 1.70
CA SER A 1181 48.34 5.11 0.92
CA GLU A 1182 45.99 2.66 0.58
CA GLY A 1183 43.01 0.13 0.32
CA TYR A 1184 42.53 -2.99 -2.01
CA THR A 1185 41.12 -1.10 -5.38
CA GLN A 1186 41.75 -4.07 -7.69
CA HIS A 1187 43.17 -4.44 -11.17
CA VAL A 1188 45.79 -5.52 -13.69
CA ASP A 1189 45.65 -3.78 -16.85
CA ALA A 1190 49.03 -4.72 -18.28
CA GLU A 1191 51.94 -7.15 -18.38
CA SER A 1192 55.15 -5.92 -20.11
CA ILE A 1193 58.93 -6.38 -20.12
CA MET A 1194 61.26 -5.72 -23.06
CA THR A 1195 60.94 -2.57 -25.32
CA ALA A 1196 57.18 -2.17 -24.80
CA PRO A 1197 56.35 1.13 -23.09
CA LYS A 1198 53.16 1.89 -20.89
CA GLY A 1199 50.06 2.45 -23.03
CA LYS A 1200 48.46 4.72 -20.71
CA LEU A 1201 48.62 7.27 -18.14
CA PHE A 1202 47.12 8.79 -14.97
CA HIS A 1203 44.23 11.21 -14.72
CA LEU A 1204 41.23 10.61 -12.49
CA GLN A 1205 42.74 7.42 -11.26
CA PHE A 1206 42.70 8.60 -7.64
CA MET A 1207 39.28 10.05 -8.34
CA ASP A 1208 37.30 6.95 -9.15
CA GLY A 1209 33.88 6.65 -10.67
CA LEU A 1210 33.97 2.65 -10.09
CA LEU A 1211 34.65 -0.58 -11.97
CA ARG A 1212 37.31 0.69 -14.33
CA PRO A 1213 40.02 -2.17 -13.78
CA GLU A 1214 43.27 -0.32 -14.55
CA PRO A 1220 59.17 8.64 -18.97
CA PRO A 1221 57.39 10.69 -16.33
CA ALA A 1222 56.20 8.95 -13.15
CA SER A 1223 54.74 5.94 -11.34
CA GLY A 1224 54.33 4.47 -7.95
CA GLU A 1225 52.64 1.21 -7.26
CA ASP A 1226 53.56 -1.75 -4.82
CA MET A 1227 52.45 -5.41 -4.80
CA ARG A 1228 52.34 -7.68 -1.78
CA LEU A 1229 51.54 -10.94 -3.62
CA ILE A 1230 51.73 -9.84 -7.30
CA TYR A 1231 52.48 -12.97 -9.34
CA PRO A 1232 51.56 -14.21 -12.81
CA LEU A 1233 52.31 -18.11 -13.12
CA GLN A 1234 53.51 -18.48 -16.70
CA PRO A 1235 56.43 -18.93 -19.16
CA ILE A 1236 58.29 -15.75 -20.09
CA SER A 1237 61.44 -14.78 -21.95
CA VAL A 1238 64.20 -17.43 -21.94
CA ALA A 1239 67.48 -16.35 -20.26
CA ARG A 1240 67.78 -15.90 -16.46
CA SER A 1241 65.55 -15.64 -13.41
CA MET A 1242 62.88 -17.55 -15.34
CA ARG A 1243 59.68 -19.59 -15.03
CA ALA A 1244 60.36 -23.34 -15.07
CA ILE A 1245 59.30 -26.21 -12.98
CA VAL A 1246 58.96 -29.65 -11.46
CA ASN A 1247 55.69 -31.58 -11.86
CA HIS A 1248 53.37 -31.75 -8.68
CA ASN A 1249 51.95 -28.16 -8.40
CA GLU A 1250 48.51 -28.57 -9.99
CA VAL A 1251 46.87 -30.23 -7.11
CA ASP A 1252 44.64 -33.26 -6.58
CA ARG A 1253 45.27 -36.64 -8.29
CA PRO A 1254 47.61 -38.57 -5.94
CA ARG A 1255 47.74 -41.17 -3.21
CA MET A 1265 46.47 -41.36 -20.28
CA ASP A 1266 44.43 -40.27 -23.37
CA THR A 1267 41.04 -41.84 -23.42
CA GLY A 1268 38.89 -42.35 -26.42
CA THR A 1269 40.40 -42.95 -30.01
CA LEU A 1270 38.89 -45.88 -31.95
CA SER A 1271 38.38 -46.60 -35.59
CA ARG A 1272 34.97 -48.17 -35.89
CA ASN A 1273 31.70 -46.42 -35.31
CA GLY A 1274 27.73 -48.19 -33.60
CA ASP A 1275 29.38 -51.37 -32.36
CA LEU A 1276 29.09 -54.19 -31.52
CA LEU A 1277 26.77 -57.20 -32.15
CA TYR A 1278 26.41 -57.61 -35.73
CA SER A 1279 22.73 -57.56 -36.41
CA PRO A 1280 21.13 -57.44 -39.31
CA VAL A 1281 17.58 -58.88 -38.75
CA ALA A 1282 15.67 -56.27 -40.46
CA ASN A 1283 16.79 -53.38 -42.70
CA GLY A 1284 19.77 -51.03 -42.47
CA GLN A 1285 20.04 -49.13 -39.19
CA VAL A 1286 22.20 -46.11 -40.10
CA GLY A 1287 24.53 -43.88 -38.08
CA PHE B 174 16.57 83.64 9.60
CA THR B 175 16.59 80.09 10.95
CA LYS B 176 17.24 78.79 7.43
CA LYS B 177 19.89 81.39 6.58
CA ASP B 178 21.54 80.65 10.00
CA LYS B 179 20.83 76.93 9.70
CA LEU B 180 23.09 76.94 6.62
CA ARG B 181 25.83 77.95 9.13
CA ALA B 182 28.26 75.30 9.66
CA SER B 183 29.14 73.70 6.32
CA GLU B 184 30.46 77.04 5.25
CA ALA B 185 33.11 78.66 7.56
CA ASP B 186 33.17 82.25 9.11
CA ASP B 187 32.51 85.90 7.93
CA ARG B 188 30.20 88.71 9.17
CA ILE B 189 26.67 89.58 8.13
CA VAL B 190 23.40 91.32 9.38
CA GLY B 191 20.07 93.11 8.35
CA PRO B 192 16.16 93.13 8.88
CA THR B 193 12.79 92.05 7.31
CA VAL B 194 9.24 90.44 7.56
CA ASN B 195 9.83 86.57 6.72
CA LEU B 196 7.09 84.16 7.73
CA PHE B 197 9.08 80.96 8.51
CA LYS B 198 7.43 78.75 10.99
CA TYR B 199 9.15 75.41 11.46
CA GLY B 200 7.77 73.43 14.38
CA ALA B 201 9.85 70.57 13.72
CA ALA B 202 7.20 67.86 13.97
CA VAL B 203 7.15 64.16 13.21
CA VAL B 204 7.81 64.64 9.47
CA ASN B 205 9.94 62.62 6.81
CA ILE B 206 7.64 59.86 8.04
CA ASP B 207 4.32 61.76 7.84
CA LEU B 208 5.38 62.98 4.49
CA ASN B 209 5.95 59.42 3.39
CA ARG B 210 3.17 57.94 5.37
CA ASP B 211 -0.03 59.41 3.85
CA PHE B 212 -1.35 61.63 6.64
CA PHE B 213 -1.02 65.38 5.65
CA ASP B 214 -1.18 68.73 7.82
CA THR B 215 -3.78 69.28 10.49
CA ALA B 216 -3.84 65.86 12.08
CA THR B 217 -4.22 62.89 9.71
CA GLY B 218 -7.06 61.15 7.07
CA ILE B 219 -8.16 57.61 6.38
CA ASP B 220 -10.38 54.67 5.86
CA LEU B 221 -12.77 54.18 8.90
CA THR B 222 -16.56 54.81 9.16
CA LYS B 223 -19.77 53.23 10.63
CA GLY B 224 -22.12 50.91 8.84
CA ILE B 225 -23.17 51.47 5.19
CA PRO B 226 -23.38 55.25 5.19
CA LEU B 227 -21.24 58.42 5.20
CA VAL B 228 -17.39 58.88 5.66
CA GLN B 229 -16.61 59.85 9.22
CA ASP B 230 -16.02 63.48 9.90
CA LEU B 231 -13.93 65.06 12.80
CA LEU B 232 -11.97 62.84 15.15
CA VAL B 233 -12.23 59.75 12.95
CA PRO B 234 -9.33 61.21 10.98
CA ILE B 235 -7.34 62.07 14.12
CA GLY B 236 -7.88 58.40 15.04
CA VAL B 237 -6.66 57.18 11.72
CA THR B 238 -3.63 59.44 12.17
CA ALA B 239 -2.93 58.19 15.65
CA GLY B 240 -3.19 54.56 14.50
CA ALA B 241 -0.83 55.29 11.57
CA GLU B 242 1.81 56.98 13.83
CA GLN B 243 1.66 53.98 16.16
CA SER B 244 1.68 51.35 13.38
CA ALA B 245 4.16 52.05 10.58
CA GLU B 246 6.37 53.13 13.42
CA TYR B 247 6.37 49.70 15.01
CA VAL B 248 9.05 47.27 13.06
CA SER B 249 11.98 49.76 12.64
CA GLY B 250 13.98 47.82 10.17
CA LEU B 251 16.44 50.03 8.09
CA LEU B 252 18.88 47.72 6.32
CA MET B 253 21.18 50.97 6.51
CA VAL B 254 21.70 54.37 4.88
CA LEU B 255 22.75 56.01 1.61
CA ASP B 261 36.58 64.90 1.48
CA ASN B 262 37.06 65.20 5.26
CA ARG B 263 36.95 68.35 7.32
CA LEU B 264 39.23 69.06 10.26
CA VAL B 265 40.68 72.31 10.26
CA ILE B 266 41.62 74.02 13.55
CA VAL B 267 41.80 77.40 11.77
CA GLY B 268 38.14 78.16 12.53
CA GLU B 269 38.24 79.86 15.92
CA THR B 270 35.11 81.02 17.85
CA THR B 271 32.54 78.27 17.62
CA THR B 272 35.17 75.43 16.45
CA PRO B 273 37.20 76.13 19.58
CA MET B 274 34.79 74.49 21.99
CA SER B 275 33.06 71.63 19.95
CA ASN B 276 34.27 68.30 17.79
CA THR B 277 33.70 66.55 13.77
CA LEU B 278 34.17 64.32 10.18
CA SER B 279 33.23 64.06 6.54
CA THR B 280 30.34 62.37 6.65
CA VAL B 281 26.71 63.32 6.67
CA VAL B 282 25.13 66.56 5.34
CA ASN B 283 24.63 69.44 7.82
CA ASN B 284 21.55 68.99 9.99
CA VAL B 285 18.92 71.49 10.72
CA LEU B 286 18.69 72.71 14.32
CA ARG B 287 20.07 75.13 16.90
CA THR B 288 23.09 76.18 19.55
CA THR B 289 25.08 78.18 16.96
CA TYR B 290 26.45 81.52 18.22
CA HIS B 291 25.52 84.80 16.53
CA ASN B 292 22.44 86.86 16.23
CA ASN B 293 21.56 90.28 14.92
CA VAL B 294 18.09 90.99 16.29
CA GLY B 295 15.50 92.60 14.11
CA VAL B 296 15.36 95.98 15.45
CA ASN B 297 12.36 98.17 15.93
CA PRO B 298 11.49 98.74 19.71
CA ALA B 299 11.99 97.40 23.27
CA LEU B 300 13.99 94.37 24.32
CA LEU B 301 15.85 94.07 20.99
CA ARG B 302 18.85 92.17 21.25
CA ASP B 303 17.96 90.43 24.53
CA PHE B 304 18.31 87.04 22.70
CA THR B 305 22.03 87.94 22.43
CA GLN B 306 22.39 88.13 26.29
CA VAL B 307 19.78 85.62 27.36
CA ASN B 308 21.27 82.91 25.13
CA TRP B 309 24.74 83.13 26.55
CA LEU B 310 23.54 82.90 30.09
CA ASN B 311 21.26 79.96 29.02
CA ARG B 312 24.22 78.31 27.38
CA ASP B 313 26.09 79.34 30.04
CA ILE B 314 24.69 76.07 31.53
CA THR B 315 26.52 73.53 33.74
CA ASN B 316 26.78 70.98 30.96
CA MET B 317 25.07 70.05 27.32
CA LEU B 318 26.72 71.07 24.18
CA GLN B 319 27.06 69.92 20.68
CA GLN B 320 27.32 67.51 17.74
CA ALA B 321 30.59 65.52 17.72
CA GLY B 322 31.64 62.09 16.53
CA THR B 323 32.73 59.56 19.12
CA LYS B 324 30.98 57.48 21.66
CA TYR B 325 30.29 54.01 23.03
CA GLY B 326 31.56 51.07 25.75
CA LEU B 327 35.01 50.90 24.14
CA GLY B 328 35.98 50.28 20.77
CA LEU B 329 32.91 49.82 18.72
CA THR B 330 32.41 53.35 17.28
CA GLU B 331 28.89 54.84 17.43
CA THR B 332 26.61 53.55 14.69
CA ARG B 333 23.60 56.08 16.14
CA LEU B 334 24.77 57.15 19.61
CA ASP B 335 22.67 60.11 20.76
CA TYR B 336 21.86 63.73 20.34
CA VAL B 337 23.71 64.02 23.74
CA ARG B 338 22.54 65.41 26.19
CA LEU B 339 24.25 63.91 29.11
CA VAL B 340 22.89 65.10 32.52
CA LYS B 341 25.68 64.67 35.06
CA THR B 342 24.26 66.49 38.15
CA ILE B 343 27.29 66.07 40.33
CA VAL B 344 25.46 62.95 42.11
CA GLY B 345 24.71 60.63 39.11
CA HIS B 346 22.25 61.40 36.30
CA ALA B 347 21.41 60.04 32.83
CA LEU B 348 19.35 61.06 30.04
CA ASN B 349 19.90 59.26 26.79
CA ILE B 350 18.92 62.44 24.85
CA ASP B 351 17.99 65.87 25.71
CA HIS B 352 16.68 69.67 24.44
CA PHE B 353 16.14 67.31 21.56
CA ALA B 354 16.47 68.37 17.96
CA ALA B 355 17.53 65.39 15.80
CA SER B 356 15.42 62.26 15.20
CA VAL B 357 13.12 61.96 18.27
CA LEU B 358 14.16 59.54 20.32
CA ASN B 359 13.89 57.82 17.44
CA ILE B 360 17.63 57.16 17.82
CA ASN B 361 16.58 54.81 20.62
CA LEU B 362 14.87 52.30 18.32
CA ARG B 363 17.94 52.52 16.03
CA ALA B 364 20.15 51.72 19.03
CA LEU B 365 17.86 48.75 19.87
CA MET B 366 18.22 47.41 16.28
CA GLU B 367 21.96 47.94 16.57
CA ALA B 368 21.93 45.86 19.74
CA ASN B 369 20.51 43.27 17.40
CA VAL B 370 23.00 44.02 14.63
CA THR B 371 26.03 44.03 16.91
CA ALA B 372 25.41 41.38 19.52
CA ASP B 373 23.84 38.28 17.90
CA ASP B 374 26.81 36.46 16.87
CA ARG B 375 26.89 32.72 16.00
CA ILE B 376 23.38 31.79 14.57
CA LYS B 377 23.55 34.83 12.29
CA ALA B 378 27.30 34.37 11.58
CA LEU B 379 28.49 30.56 11.62
CA GLN B 380 28.32 28.07 8.74
CA ALA B 381 26.26 25.21 10.24
CA HIS B 382 22.92 26.59 9.06
CA SER B 383 23.63 25.64 5.40
CA MET B 384 25.07 22.25 6.46
CA ILE B 385 22.04 21.41 8.65
CA SER B 386 19.66 22.44 5.88
CA THR B 387 21.54 20.36 3.31
CA GLN B 388 21.80 17.56 5.84
CA PHE B 389 18.11 17.46 6.69
CA HIS B 390 16.96 17.53 3.09
CA GLY B 391 19.32 15.14 1.31
CA PRO B 392 21.23 11.85 1.49
CA ASN B 393 24.16 10.16 3.23
CA GLN B 394 27.42 10.48 1.31
CA GLY B 395 26.08 13.78 -0.07
CA ALA B 396 27.63 15.47 2.90
CA LEU B 397 31.21 15.67 1.38
CA ARG B 398 29.21 15.60 -2.06
CA PRO B 399 27.63 18.92 -1.37
CA GLU B 400 29.85 21.65 -0.01
CA LEU B 401 32.23 23.32 -2.37
CA ALA B 402 29.74 24.60 -4.98
CA PHE B 403 29.75 28.12 -3.65
CA ASP B 404 26.15 28.90 -4.17
CA HIS B 405 24.37 30.60 -1.30
CA ASP B 406 22.94 33.97 -0.75
CA HIS B 407 21.37 35.47 2.59
CA ILE B 408 17.96 36.59 4.46
CA ILE B 409 16.97 37.07 8.10
CA ARG B 410 16.12 34.11 10.07
CA CYS B 411 13.63 31.58 11.33
CA LEU B 412 13.78 31.81 15.13
CA MET B 413 12.38 31.36 18.51
CA LEU B 414 8.40 30.56 18.82
CA ALA B 415 7.43 33.74 17.01
CA ALA B 416 6.85 32.13 13.61
CA ALA B 417 5.19 29.13 15.24
CA ASN B 418 3.21 31.82 16.85
CA TYR B 419 2.31 33.22 13.49
CA PRO B 420 1.69 29.78 11.98
CA ARG B 421 -0.52 28.73 14.83
CA LEU B 422 -2.39 32.00 14.47
CA GLU B 423 -2.51 31.97 10.67
CA GLY B 424 -3.57 28.30 10.53
CA ILE B 425 -5.86 28.17 13.61
CA ILE B 426 -7.33 31.42 12.29
CA VAL B 427 -6.73 30.45 8.66
CA GLN B 428 -8.64 27.81 6.71
CA ILE B 429 -6.58 28.64 3.63
CA ASN B 430 -3.46 26.83 4.90
CA THR B 431 -3.70 24.33 2.03
CA GLY B 432 -1.54 26.65 -0.09
CA TYR B 433 1.73 26.01 1.76
CA VAL B 434 0.91 22.35 2.31
CA ALA B 435 -0.23 21.83 -1.29
CA SER B 436 2.65 23.93 -2.60
CA ALA B 437 5.05 22.06 -0.38
CA ASN B 438 3.67 18.59 -1.26
CA VAL B 439 3.32 19.25 -5.00
CA ILE B 440 6.88 20.59 -5.05
CA ARG B 441 8.25 17.59 -3.15
CA PRO B 442 6.33 15.18 -5.35
CA VAL B 443 7.23 16.71 -8.65
CA SER B 444 10.53 17.79 -7.13
CA GLU B 445 11.79 13.97 -7.20
CA LYS B 446 10.53 13.59 -10.78
CA ARG B 447 12.75 10.65 -11.59
CA TYR B 448 10.44 8.07 -9.97
CA PHE B 449 6.90 6.85 -10.45
CA PRO B 450 5.15 7.93 -13.67
CA GLU B 451 1.69 7.20 -14.95
CA ASN B 452 1.05 6.88 -18.68
CA LEU B 453 1.91 4.48 -21.48
CA GLU B 454 0.81 1.15 -20.53
CA GLN B 455 -1.88 -0.50 -22.61
CA ASN B 456 -1.84 -4.02 -21.09
CA GLN B 457 -5.32 -3.74 -19.47
CA SER B 458 -5.34 -4.77 -15.95
CA ALA B 459 -7.53 -7.73 -17.37
CA ALA B 460 -5.51 -8.68 -20.63
CA ARG B 461 -4.17 -11.88 -19.07
CA LEU B 462 -7.71 -13.48 -19.04
CA VAL B 463 -7.75 -14.85 -22.60
CA SER B 464 -9.07 -11.51 -23.91
CA ALA B 465 -12.28 -12.89 -22.85
CA VAL B 466 -13.15 -16.24 -21.22
CA LYS B 467 -16.88 -16.61 -20.95
CA ALA B 468 -16.98 -17.43 -17.26
CA ARG B 469 -14.71 -14.48 -16.49
CA ALA B 470 -16.98 -12.02 -18.26
CA SER B 471 -19.13 -11.02 -15.26
CA GLU B 472 -16.52 -10.83 -12.49
CA ALA B 473 -13.60 -9.79 -14.69
CA ASP B 474 -15.73 -7.17 -16.35
CA ILE B 475 -16.92 -5.68 -13.04
CA SER B 476 -13.30 -5.53 -11.90
CA SER B 477 -12.06 -3.77 -15.03
CA ILE B 478 -15.06 -1.59 -15.10
CA HIS B 479 -15.86 -0.88 -11.60
CA LEU B 480 -12.15 -0.78 -10.82
CA ALA B 481 -11.28 1.07 -14.01
CA ILE B 482 -8.79 3.51 -12.17
CA ALA B 483 -11.84 5.80 -11.99
CA ARG B 484 -9.07 8.28 -11.29
CA GLU B 485 -5.64 8.45 -12.96
CA VAL B 486 -2.72 10.53 -13.39
CA SER B 487 -1.07 12.83 -12.39
CA PRO B 488 -0.21 11.51 -8.88
CA MET B 489 1.90 13.63 -6.48
CA PHE B 490 -1.44 14.47 -4.60
CA ASN B 491 -1.23 11.13 -2.69
CA VAL B 492 2.51 11.43 -2.36
CA HIS B 493 2.26 15.05 -1.16
CA GLU B 494 -0.16 14.30 1.49
CA LEU B 495 1.33 11.07 2.84
CA LYS B 496 2.95 12.80 5.81
CA LYS B 497 0.76 15.57 5.56
CA ILE B 498 0.43 17.69 9.24
CA ALA B 499 -2.63 19.70 8.29
CA GLU B 500 -4.62 22.24 6.70
CA SER B 501 -8.41 23.32 7.97
CA PHE B 502 -10.35 20.10 7.37
CA GLU B 503 -10.83 16.59 8.61
CA ASP B 504 -9.93 13.64 6.25
CA PRO B 505 -12.60 14.16 3.61
CA SER B 506 -13.37 10.56 2.84
CA SER B 507 -16.20 10.15 0.49
CA ILE B 508 -15.37 6.45 0.26
CA VAL B 509 -18.35 4.27 -0.64
CA VAL B 510 -19.06 0.57 -0.98
CA VAL B 511 -21.89 -1.73 -2.15
CA LEU B 512 -21.69 -4.41 -2.53
CA GLU B 513 -22.35 -8.22 -1.42
CA PHE B 514 -20.93 -11.60 -2.12
CA ILE B 515 -19.75 -14.56 -4.42
CA LEU B 516 -17.26 -14.55 -7.05
CA PHE B 517 -17.40 -11.20 -8.68
CA ALA B 518 -17.05 -9.28 -4.82
CA LEU B 519 -13.28 -9.34 -4.16
CA PHE B 520 -12.40 -5.80 -5.31
CA PHE B 521 -13.50 -4.76 -1.89
CA PRO B 522 -10.73 -7.02 -0.58
CA THR B 523 -8.20 -5.30 -2.85
CA GLU B 524 -9.35 -1.64 -2.44
CA PHE B 525 -8.90 -2.02 1.35
CA ASN B 526 -5.66 -3.99 1.18
CA ARG B 527 -4.12 -1.01 -0.60
CA ILE B 528 -4.74 1.73 1.95
CA LYS B 529 -3.14 -0.63 4.27
CA GLY B 530 0.26 0.63 3.03
CA ASP B 531 -0.58 4.26 3.57
CA ILE B 532 0.20 4.26 7.26
CA GLN B 533 -3.05 6.34 7.53
CA ASN B 534 -5.01 4.38 10.06
CA VAL B 535 -7.46 7.21 10.77
CA LEU B 536 -9.28 6.54 7.44
CA LEU B 537 -10.34 3.16 8.84
CA LEU B 538 -13.63 4.28 10.48
CA PHE B 539 -15.27 3.77 7.08
CA PHE B 540 -14.02 0.19 7.05
CA SER B 541 -16.01 -0.04 10.29
CA ARG B 542 -19.33 -0.05 8.45
CA TRP B 543 -17.77 -1.70 5.41
CA TYR B 544 -16.72 -4.48 7.75
CA PRO B 545 -20.21 -5.47 8.86
CA VAL B 546 -21.29 -5.60 5.23
CA GLU B 547 -18.23 -7.57 4.22
CA TYR B 548 -18.69 -10.05 7.11
CA GLY B 549 -22.34 -10.44 6.16
CA ILE B 550 -21.99 -11.45 2.51
CA PHE B 551 -19.12 -13.85 3.02
CA VAL B 552 -20.43 -15.20 6.20
CA GLN B 553 -19.96 -14.75 9.98
CA ARG B 554 -20.23 -16.19 13.82
CA GLY B 555 -21.16 -13.20 15.98
CA ALA B 556 -18.88 -10.25 16.77
CA THR B 557 -21.26 -8.70 19.65
CA TYR B 558 -19.01 -8.23 22.93
CA THR B 559 -17.37 -5.72 21.34
CA ILE B 560 -21.12 -3.41 22.77
CA ASN B 561 -19.17 -3.04 26.05
CA ALA B 562 -15.94 -3.57 24.16
CA ALA B 563 -16.44 -0.15 22.62
CA GLY B 564 -14.83 1.04 25.55
CA GLU B 565 -12.39 -1.15 27.53
CA PHE B 566 -9.05 -0.83 25.69
CA GLU B 567 -10.56 -0.40 21.98
CA PHE B 568 -13.07 1.90 20.40
CA SER B 569 -13.92 0.29 17.06
CA GLY B 570 -12.58 -2.92 18.16
CA ARG B 571 -10.49 -3.51 15.00
CA ASN B 572 -7.15 -3.08 15.71
CA GLU B 573 -5.45 -5.67 17.85
CA LYS B 574 -7.54 -6.46 20.86
CA TRP B 575 -7.49 -10.25 20.83
CA ASP B 576 -10.08 -12.49 22.08
CA GLN B 577 -12.77 -14.55 20.37
CA ALA B 578 -11.48 -17.66 19.01
CA LEU B 579 -13.21 -16.47 15.73
CA TYR B 580 -9.79 -14.76 15.20
CA LEU B 581 -9.65 -15.33 11.25
CA SER B 582 -12.03 -12.57 10.96
CA GLU B 583 -9.78 -10.49 13.20
CA HIS B 584 -6.63 -12.20 11.96
CA PHE B 585 -7.53 -11.11 8.44
CA PRO B 586 -8.36 -7.64 9.73
CA ALA B 587 -5.26 -7.19 11.88
CA LEU B 588 -3.16 -8.83 9.24
CA PHE B 589 -4.05 -6.35 6.47
CA SER B 590 -3.14 -3.35 8.70
CA ASP B 591 0.02 -5.73 9.54
CA VAL B 592 3.40 -1.83 7.76
CA PRO B 593 6.78 -1.28 9.38
CA LEU B 594 7.50 1.91 11.33
CA ALA B 595 10.16 3.62 13.44
CA GLY B 596 13.16 5.89 14.15
CA ALA B 597 14.88 8.82 15.80
CA ASN B 598 15.11 12.06 13.78
CA THR B 599 17.08 15.22 14.16
CA ILE B 600 16.16 20.20 12.64
CA ILE B 601 17.97 23.70 14.06
CA ALA B 602 14.44 25.39 14.59
CA ILE B 603 10.85 24.05 14.21
CA MET B 604 8.75 21.05 13.74
CA ARG B 605 6.19 22.28 14.25
CA LEU B 606 5.40 19.71 16.93
CA PHE B 607 4.59 19.75 20.63
CA THR B 608 6.37 18.11 23.37
CA PRO B 609 9.32 16.05 24.56
CA GLN B 610 11.27 15.32 21.40
CA GLY B 611 8.63 15.64 18.63
CA PHE B 612 8.66 12.53 16.49
CA LEU B 613 6.87 11.82 13.11
CA ARG B 614 9.24 9.35 12.74
CA THR B 615 7.70 7.63 9.75
CA ASP B 616 8.78 4.08 9.03
CA ASP B 617 7.53 1.25 7.02
CA LEU B 618 6.87 3.30 3.89
CA ALA B 619 9.32 2.47 1.15
CA ILE B 620 11.56 0.89 3.77
CA ALA B 621 14.67 1.49 5.99
CA ALA B 622 15.81 5.03 6.75
CA ASN B 623 19.29 4.84 8.28
CA PHE B 624 21.41 3.65 5.29
CA PRO B 625 21.52 2.28 1.57
CA ARG B 626 19.03 -0.48 1.06
CA ALA B 627 17.94 -3.98 2.08
CA SER B 628 20.56 -6.55 2.26
CA ARG B 629 20.31 -10.04 0.07
CA ASN B 630 18.87 -10.54 -3.38
CA PRO B 631 14.93 -10.45 -3.05
CA GLN B 632 14.54 -8.64 0.28
CA THR B 633 11.26 -7.09 -0.85
CA TYR B 634 10.24 -10.75 -0.74
CA ILE B 635 9.88 -10.67 3.03
CA PRO B 636 7.67 -7.61 2.53
CA TYR B 637 6.28 -8.84 -0.79
CA THR B 638 6.18 -12.43 0.64
CA ASN B 639 4.12 -11.22 3.60
CA GLN B 640 1.64 -9.62 1.20
CA ARG B 641 2.13 -12.44 -1.32
CA GLY B 642 1.51 -14.91 1.40
CA THR B 643 -0.79 -12.52 3.28
CA VAL B 644 -2.67 -11.86 0.04
CA THR B 645 -2.06 -15.43 -1.11
CA ASN B 646 -3.23 -16.87 2.20
CA GLU B 647 -6.28 -14.54 2.28
CA PHE B 648 -7.09 -15.73 -1.28
CA ALA B 649 -6.60 -19.41 -0.09
CA SER B 650 -9.15 -18.44 2.67
CA ARG B 651 -11.52 -17.13 -0.06
CA PHE B 652 -11.38 -20.59 -1.65
CA ARG B 653 -13.30 -21.97 1.32
CA THR B 654 -16.21 -19.71 0.37
CA ILE B 655 -16.06 -20.53 -3.34
CA VAL B 656 -18.32 -23.65 -2.41
CA ALA B 657 -20.57 -21.33 -0.47
CA THR B 658 -22.02 -19.54 -3.57
CA LEU B 659 -24.08 -20.63 -6.56
CA ALA B 660 -23.32 -20.95 -10.28
CA ASN B 661 -20.49 -23.43 -11.27
CA VAL B 662 -17.74 -22.76 -8.79
CA VAL B 663 -15.05 -22.77 -11.36
CA ASN B 664 -15.97 -19.18 -12.19
CA GLU B 665 -14.36 -18.32 -8.86
CA ARG B 666 -11.59 -20.75 -9.77
CA ALA B 667 -11.43 -19.11 -13.21
CA VAL B 668 -11.25 -15.56 -11.84
CA GLN B 669 -9.16 -16.85 -8.96
CA ASP B 670 -6.67 -17.50 -11.69
CA ASP B 671 -6.46 -13.87 -12.68
CA MET B 672 -6.03 -12.55 -9.16
CA GLN B 673 -3.25 -14.95 -8.19
CA LYS B 674 -1.14 -14.70 -11.35
CA ALA B 675 -1.55 -11.06 -12.57
CA THR B 676 -0.85 -9.09 -9.39
CA ARG B 677 2.10 -11.30 -8.63
CA SER B 678 3.81 -10.81 -11.99
CA CYS B 679 4.14 -7.06 -11.44
CA THR B 680 5.14 -7.59 -7.82
CA LYS B 681 8.59 -9.04 -8.59
CA GLN B 682 8.64 -6.21 -11.12
CA TRP B 683 8.11 -2.97 -9.21
CA LEU B 684 8.90 -2.62 -5.53
CA ARG B 685 12.63 -2.16 -5.57
CA HIS B 686 12.29 1.63 -5.66
CA LEU B 687 9.96 2.07 -2.60
CA GLU B 688 12.84 2.08 -0.06
CA THR B 689 14.54 4.99 -1.79
CA GLN B 690 11.42 7.08 -1.96
CA PHE B 691 11.54 7.42 1.88
CA ASP B 692 14.72 9.50 1.72
CA ASN B 693 12.45 12.48 0.82
CA ILE B 694 9.93 11.42 3.49
CA ALA B 695 12.52 11.28 6.33
CA VAL B 696 14.42 14.24 5.06
CA ALA B 697 11.00 15.88 4.88
CA HIS B 698 10.01 15.18 8.49
CA THR B 699 12.90 17.46 9.16
CA ASP B 700 12.02 19.95 6.37
CA HIS B 701 9.86 22.05 8.17
CA LEU B 702 6.44 20.36 8.47
CA SER B 703 4.81 20.63 11.92
CA VAL B 704 3.86 17.52 13.91
CA VAL B 705 5.64 14.66 15.68
CA TYR B 706 3.32 12.09 14.04
CA ALA B 707 0.72 10.44 11.84
CA THR B 708 -0.87 7.75 13.97
CA MET B 709 0.59 4.40 13.32
CA SER B 710 -1.03 2.05 15.88
CA ASN B 711 -4.29 3.79 16.86
CA PHE B 712 -7.43 2.48 18.57
CA MET B 713 -10.74 3.72 17.17
CA LEU B 714 -13.25 5.64 19.10
CA ASN B 715 -12.22 8.77 20.97
CA PHE B 716 -14.61 11.68 20.20
CA THR B 717 -14.29 10.61 16.41
CA ASN B 718 -16.98 11.99 14.24
CA ASN B 719 -18.43 11.52 10.79
CA PHE B 720 -14.96 10.59 9.12
CA ALA B 889 -12.58 32.49 23.53
CA THR B 890 -12.17 28.97 22.24
CA HIS B 891 -11.41 29.28 18.54
CA VAL B 892 -11.15 25.53 18.56
CA ALA B 893 -8.58 25.75 16.30
CA VAL B 894 -7.04 23.61 13.53
CA VAL B 895 -9.03 20.56 12.44
CA LEU B 896 -12.69 19.94 12.43
CA TYR B 897 -15.27 19.73 9.63
CA GLN B 898 -15.68 20.17 6.85
CA SER B 899 -13.47 19.92 3.46
CA GLY B 900 -14.66 21.02 0.02
CA VAL B 901 -11.13 22.03 -1.06
CA ILE B 902 -9.78 18.67 -2.37
CA ASN B 903 -9.44 17.42 1.17
CA GLY B 904 -11.58 14.50 0.19
CA PRO B 905 -10.27 11.48 -1.36
CA ALA B 906 -8.86 7.62 -1.95
CA SER B 907 -9.52 4.68 -4.28
CA THR B 908 -7.04 5.17 -7.09
CA TYR B 909 -5.53 1.73 -6.73
CA LEU B 910 -5.58 0.08 -10.30
CA ARG B 911 -3.69 2.80 -12.12
CA GLU B 912 -0.79 2.30 -9.53
CA ASN B 913 0.21 -0.93 -11.56
CA GLU B 914 0.72 1.41 -14.69
CA VAL B 915 3.89 2.59 -15.97
CA LEU B 916 6.72 3.93 -13.26
CA VAL B 917 9.94 2.36 -12.21
CA VAL B 918 13.09 3.16 -14.07
CA MET B 919 13.96 -0.67 -14.32
CA PRO B 920 13.59 -0.97 -18.06
CA ASP B 921 17.12 -0.56 -19.37
CA TYR B 922 18.67 2.61 -18.24
CA TYR B 923 19.26 4.33 -14.67
CA ASP B 924 20.12 8.03 -14.79
CA VAL B 925 21.04 8.11 -11.12
CA VAL B 926 21.47 11.89 -10.85
CA SER B 927 17.95 12.96 -10.47
CA ARG B 928 17.59 12.30 -6.74
CA PHE B 929 20.92 14.06 -6.10
CA ALA B 930 20.11 17.18 -8.07
CA ASN B 931 16.59 17.44 -6.63
CA ALA B 932 17.98 18.65 -3.24
CA ASN B 933 19.49 21.86 -4.72
CA LEU B 934 16.32 23.12 -6.48
CA GLN B 935 14.08 21.85 -3.70
CA MET B 936 16.11 23.40 -0.90
CA ASN B 937 16.55 26.66 -2.82
CA ASN B 938 12.86 26.72 -3.58
CA ASN B 939 11.96 24.95 -0.31
CA ARG B 940 13.82 27.82 1.38
CA TYR B 941 12.13 30.46 -0.82
CA HIS B 942 8.75 29.05 -0.34
CA GLU B 943 9.16 29.01 3.45
CA SER B 944 11.40 32.33 3.66
CA VAL B 945 8.83 33.98 1.16
CA LEU B 946 5.98 32.47 3.28
CA GLU B 947 6.33 33.36 6.66
CA ILE B 948 7.14 36.87 5.40
CA ALA B 949 3.85 36.74 3.25
CA ASP B 950 1.51 35.09 5.93
CA ILE B 951 3.22 36.81 8.91
CA PHE B 952 2.29 40.04 7.23
CA ASP B 953 -1.42 39.26 7.53
CA GLN B 954 -0.98 37.92 11.07
CA ALA B 955 0.47 41.30 12.05
CA ASP B 956 -2.72 42.80 10.59
CA PHE B 957 -4.60 40.32 12.77
CA ILE B 958 -2.38 41.27 15.65
CA GLN B 959 -2.76 45.02 15.15
CA THR B 960 -6.43 44.23 15.52
CA SER B 961 -5.65 42.59 18.91
CA ASP B 962 -3.34 45.49 19.72
CA ALA B 963 -6.26 47.87 19.59
CA VAL B 964 -8.34 45.61 21.76
CA ARG B 965 -5.98 43.72 23.54
CA GLN B 966 -4.14 46.41 25.23
CA LEU B 967 -7.32 48.04 26.58
CA ARG B 968 -8.56 45.00 28.86
CA ALA B 969 -6.48 44.06 31.93
CA LEU B 970 -6.33 40.29 32.46
CA MET B 971 -5.29 40.34 36.12
CA PRO B 972 -2.24 38.17 35.27
CA THR B 973 0.56 41.53 35.72
CA LEU B 974 2.17 43.79 38.31
CA SER B 975 1.27 47.42 38.99
CA THR B 976 -1.14 49.19 36.68
CA SER B 977 -1.69 48.84 33.07
CA GLN B 978 -0.31 52.23 31.56
CA ILE B 979 -1.47 51.90 27.94
CA ARG B 980 -5.16 51.61 28.82
CA HIS B 981 -5.31 55.33 29.80
CA ALA B 982 -4.45 56.48 26.33
CA ILE B 983 -5.54 53.39 24.43
CA GLU B 984 -8.65 53.31 26.59
CA ARG B 985 -9.53 57.02 26.12
CA ILE B 986 -9.17 56.47 22.38
CA ALA B 987 -11.87 53.83 22.74
CA GLN B 988 -13.78 56.29 24.96
CA ILE B 989 -14.79 59.28 22.91
CA THR B 990 -14.93 57.32 19.64
CA ASP B 991 -18.59 56.01 20.08
CA VAL B 992 -17.68 52.32 20.38
CA ASP B 993 -16.49 50.48 17.27
CA SER B 994 -15.90 47.01 18.74
CA THR B 995 -18.72 45.58 16.77
CA ASP B 996 -18.89 44.75 13.10
CA TYR B 997 -16.50 47.51 11.38
CA GLY B 998 -13.66 46.10 13.49
CA LYS B 999 -13.22 43.39 10.85
CA LEU B 1000 -13.97 45.73 7.95
CA THR B 1001 -11.82 48.44 9.55
CA LEU B 1002 -9.11 45.82 9.64
CA ARG B 1003 -9.89 44.68 6.11
CA PHE B 1004 -9.43 48.24 4.76
CA LEU B 1005 -6.69 49.12 7.25
CA GLY B 1006 -4.36 46.39 5.98
CA THR B 1007 -4.04 47.74 2.46
CA LEU B 1008 -2.05 50.03 4.38
CA THR B 1009 0.99 47.80 4.75
CA ARG B 1010 0.15 45.99 1.48
CA SER B 1011 -1.76 42.92 0.41
CA LEU B 1012 -3.24 40.86 -2.34
CA LYS B 1013 -5.77 38.97 0.06
CA MET B 1014 -8.31 36.23 0.59
CA GLN B 1015 -11.14 37.01 3.05
CA ASN B 1016 -10.22 35.97 6.68
CA ALA B 1017 -13.25 33.70 6.80
CA GLN B 1018 -14.34 30.19 5.80
CA ILE B 1019 -15.27 30.20 2.07
CA ARG B 1020 -14.86 26.58 0.86
CA ARG B 1021 -17.69 24.48 2.24
CA ILE B 1022 -18.51 22.15 -0.66
CA ARG B 1023 -22.18 22.76 -0.75
CA PRO B 1024 -23.72 26.10 0.24
CA ASP B 1025 -21.42 28.00 2.59
CA GLY B 1026 -19.31 30.98 1.28
CA THR B 1027 -19.19 31.68 5.00
CA VAL B 1028 -16.92 34.24 6.57
CA LEU B 1029 -17.52 33.30 10.22
CA ARG B 1030 -16.39 35.75 12.87
CA TYR B 1031 -13.93 38.36 14.25
CA ASP B 1032 -10.76 38.67 16.30
CA ASP B 1033 -10.32 39.15 20.05
CA GLN B 1034 -7.58 39.05 23.20
CA ILE B 1035 -8.87 36.93 26.14
CA ASP B 1036 -8.91 33.25 26.27
CA ILE B 1037 -7.63 31.34 23.23
CA GLU B 1038 -6.04 27.91 22.52
CA ALA B 1039 -2.54 28.26 24.16
CA PHE B 1040 -1.58 24.60 24.54
CA ARG B 1041 -2.91 21.28 22.96
CA TRP B 1042 -5.93 19.29 24.20
CA SER B 1043 -8.12 17.96 27.02
CA ARG B 1044 -11.55 15.99 27.54
CA TYR B 1045 -14.31 18.64 27.47
CA PHE B 1046 -12.56 21.40 29.48
CA LEU B 1047 -8.84 21.88 31.05
CA ASP B 1048 -6.16 23.21 28.72
CA GLU B 1049 -4.26 25.60 30.98
CA LEU B 1050 -1.27 23.32 30.44
CA GLN B 1051 1.54 25.78 31.33
CA LEU B 1052 3.68 27.21 28.47
CA ARG B 1053 3.86 30.98 27.89
CA ARG B 1054 2.91 32.80 24.70
CA LEU B 1055 2.31 36.23 23.67
CA SER B 1056 -0.20 36.84 20.55
CA VAL B 1057 2.17 38.95 18.02
CA GLY B 1058 5.42 39.15 17.71
CA LEU B 1059 9.17 39.75 17.73
CA ARG B 1060 8.73 43.04 15.90
CA LEU B 1061 6.53 44.05 18.89
CA ILE B 1062 9.43 43.14 21.19
CA THR B 1063 12.03 45.95 21.18
CA ASN B 1064 10.33 48.19 18.64
CA PRO B 1065 6.97 47.90 20.33
CA ARG B 1066 8.74 49.29 23.47
CA ILE B 1067 10.07 52.13 21.28
CA ALA B 1068 6.49 52.62 19.93
CA ARG B 1069 5.52 52.89 23.67
CA ARG B 1070 7.81 55.63 24.14
CA PHE B 1071 5.89 57.35 21.36
CA ASN B 1072 2.46 56.81 23.06
CA GLY B 1073 3.57 58.48 26.30
CA VAL B 1074 5.41 61.00 24.11
CA ARG B 1075 2.30 62.01 22.21
CA ILE B 1076 1.22 63.39 25.59
CA MET B 1077 4.49 65.15 26.35
CA TYR B 1078 4.34 66.37 22.75
CA LEU B 1079 1.99 69.05 21.44
CA THR B 1080 -1.52 67.87 20.21
CA ASP B 1081 -4.79 69.04 18.69
CA ASP B 1082 -7.44 69.67 21.43
CA ASP B 1083 -9.40 72.56 22.87
CA PRO B 1084 -12.89 72.86 25.03
CA ASP B 1085 -14.86 76.05 24.37
CA PRO B 1086 -15.89 78.94 26.72
CA ASP B 1087 -18.32 81.40 25.05
CA PHE B 1088 -17.73 85.16 25.08
CA VAL B 1089 -18.38 88.60 23.64
CA PRO B 1090 -15.61 91.23 23.59
CA ASP B 1091 -15.18 91.98 20.15
CA VAL B 1092 -13.53 94.44 17.55
CA PRO B 1093 -12.95 95.24 13.71
CA GLU B 1094 -11.19 93.99 10.57
CA GLY B 1095 -7.62 95.52 9.91
CA TYR B 1096 -5.14 95.98 6.56
CA VAL B 1097 -1.29 96.74 6.41
CA ALA B 1098 1.49 99.54 5.68
CA VAL B 1099 4.33 101.55 7.29
CA GLN B 1100 5.20 103.37 10.53
CA TYR B 1101 6.48 102.65 14.10
CA ALA B 1102 3.73 100.32 15.21
CA HIS B 1103 4.24 96.81 14.20
CA ARG B 1104 2.20 93.90 15.55
CA LEU B 1105 4.02 91.11 17.01
CA PHE B 1106 1.81 88.50 19.40
CA SER B 1107 -1.74 87.05 20.52
CA SER B 1108 -2.63 83.99 22.83
CA SER B 1109 -4.89 82.86 25.34
CA LEU B 1110 -7.41 85.47 26.47
CA ALA B 1111 -9.03 84.07 29.63
CA ASN B 1112 -12.25 86.05 29.73
CA LYS B 1113 -13.43 85.34 33.28
CA ARG B 1114 -16.69 86.41 34.97
CA ASN B 1115 -18.71 87.89 36.56
CA ARG B 1116 -21.96 87.31 38.10
CA VAL B 1117 -24.52 84.61 37.86
CA THR B 1118 -23.36 81.55 36.10
CA TYR B 1119 -26.39 79.82 34.47
CA THR B 1120 -25.80 76.12 33.78
CA HIS B 1121 -27.92 74.46 31.10
CA PRO B 1122 -30.46 74.15 28.52
CA PRO B 1123 -34.04 72.89 28.48
CA THR B 1124 -36.32 73.85 31.53
CA GLY B 1125 -36.28 77.31 31.84
CA MET B 1126 -35.95 79.30 28.63
CA ALA B 1127 -39.36 80.60 27.68
CA TYR B 1128 -40.90 82.53 24.72
CA PRO B 1129 -44.75 83.60 24.75
CA SER B 1130 -46.77 85.72 22.72
CA PRO B 1131 -48.87 88.03 24.65
CA THR B 1132 -48.45 91.16 27.10
CA GLY B 1133 -48.33 94.07 24.59
CA ARG B 1134 -47.66 92.44 21.05
CA PRO B 1135 -45.50 89.30 21.12
CA HIS B 1136 -41.84 88.60 21.41
CA VAL B 1137 -38.63 87.82 23.28
CA HIS B 1138 -38.18 85.12 25.92
CA MET B 1139 -35.90 84.24 28.85
CA THR B 1140 -36.51 82.63 32.12
CA ILE B 1141 -33.65 82.10 34.78
CA ASN B 1142 -34.55 80.60 38.26
CA GLU B 1143 -32.61 81.33 41.38
CA ARG B 1144 -35.38 83.77 42.24
CA ALA B 1145 -35.44 86.06 39.20
CA GLY B 1146 -37.91 85.89 36.30
CA MET B 1147 -36.04 87.83 33.74
CA SER B 1148 -37.46 88.60 30.32
CA LYS B 1149 -34.68 88.65 27.72
CA LEU B 1150 -33.24 91.91 26.52
CA VAL B 1151 -31.44 92.53 29.85
CA ALA B 1152 -29.92 88.91 33.18
CA ASP B 1153 -27.80 86.10 31.72
CA ASN B 1154 -24.57 83.98 32.13
CA ILE B 1155 -22.70 80.44 32.07
CA ILE B 1156 -25.06 78.14 30.20
CA ALA B 1157 -23.80 74.56 29.87
CA SER B 1158 -24.62 73.90 26.23
CA VAL B 1159 -23.95 70.34 26.71
CA ILE B 1160 -25.09 70.09 23.08
CA LYS B 1161 -28.14 68.38 21.61
CA SER B 1162 -29.92 70.87 19.14
CA ASN B 1163 -33.61 70.01 18.27
CA TRP B 1164 -34.56 72.91 16.01
CA VAL B 1165 -34.69 76.70 15.79
CA VAL B 1166 -36.46 79.71 17.14
CA ASP B 1167 -34.78 79.63 20.58
CA ILE B 1168 -31.23 79.71 19.17
CA LEU B 1169 -31.73 83.25 17.76
CA ASP B 1170 -33.02 84.50 21.14
CA ILE B 1171 -30.13 82.83 23.02
CA GLU B 1172 -27.59 84.48 20.68
CA TYR B 1173 -29.37 87.90 21.10
CA THR B 1174 -29.01 87.37 24.85
CA ALA B 1175 -25.35 86.46 24.36
CA GLU B 1176 -24.55 89.13 22.30
CA VAL B 1177 -26.07 91.11 25.24
CA MET B 1178 -24.96 88.74 28.04
CA THR B 1179 -21.99 86.85 26.62
CA PRO B 1180 -20.43 83.77 28.09
CA SER B 1181 -21.84 80.39 27.13
CA GLU B 1182 -20.32 77.07 28.05
CA GLY B 1183 -20.42 74.43 25.35
CA TYR B 1184 -18.93 71.27 24.80
CA THR B 1185 -18.37 70.91 20.88
CA GLN B 1186 -15.05 70.51 19.04
CA HIS B 1187 -12.06 72.79 18.42
CA VAL B 1188 -8.70 73.46 16.10
CA ASP B 1189 -7.08 75.31 13.80
CA ALA B 1190 -7.57 78.66 12.07
CA GLU B 1191 -5.08 80.68 14.08
CA SER B 1192 -3.05 83.24 12.11
CA ILE B 1193 -0.52 85.80 13.59
CA MET B 1194 0.25 88.42 10.60
CA THR B 1195 -1.11 88.51 7.05
CA ALA B 1196 -4.97 88.74 7.22
CA PRO B 1197 -6.61 85.35 7.93
CA LYS B 1198 -10.42 86.19 8.57
CA GLY B 1199 -11.98 83.17 7.06
CA LYS B 1200 -14.65 83.77 9.64
CA LEU B 1201 -18.07 81.87 8.54
CA PHE B 1202 -20.43 82.35 11.50
CA HIS B 1203 -23.33 80.53 9.87
CA LEU B 1204 -24.15 77.17 11.50
CA GLN B 1205 -21.60 77.29 14.19
CA PHE B 1206 -24.09 77.47 17.38
CA MET B 1207 -26.56 74.85 15.85
CA ASP B 1208 -23.91 72.45 15.88
CA GLY B 1209 -23.62 69.57 13.45
CA LEU B 1210 -22.29 66.44 14.93
CA LEU B 1211 -18.60 65.56 14.84
CA ARG B 1212 -17.37 68.75 13.01
CA PRO B 1213 -14.09 70.14 14.31
CA GLU B 1214 -12.62 72.31 11.57
CA ALA B 1222 -13.97 89.23 14.04
CA SER B 1223 -15.69 86.57 16.16
CA GLY B 1224 -15.69 86.14 19.93
CA GLU B 1225 -13.39 83.45 21.28
CA ASP B 1226 -11.62 82.64 24.70
CA MET B 1227 -10.29 79.10 25.21
CA ARG B 1228 -9.50 76.89 28.17
CA LEU B 1229 -6.17 75.76 26.81
CA ILE B 1230 -3.78 76.97 24.18
CA TYR B 1231 -0.44 75.25 23.89
CA PRO B 1232 1.21 75.96 20.80
CA LEU B 1233 4.59 74.41 21.55
CA GLN B 1234 5.89 75.80 18.31
CA PRO B 1235 8.70 78.20 16.84
CA ILE B 1236 6.55 80.31 14.35
CA SER B 1237 8.22 83.18 12.79
CA VAL B 1238 11.28 85.38 13.17
CA ALA B 1239 12.70 87.95 15.58
CA ARG B 1240 11.75 88.34 19.31
CA SER B 1241 8.77 86.94 20.96
CA MET B 1242 8.73 83.42 19.90
CA ARG B 1243 10.93 82.16 22.76
CA ALA B 1244 13.18 79.12 22.19
CA ILE B 1245 15.18 77.23 24.84
CA VAL B 1246 17.83 75.31 26.84
CA ASN B 1247 16.31 72.84 29.29
CA HIS B 1248 15.45 69.27 30.29
CA ASN B 1249 13.50 67.13 27.82
CA GLU B 1250 10.11 65.18 27.63
CA VAL B 1251 10.19 61.56 28.85
CA ASP B 1252 13.31 59.33 27.68
CA ARG B 1253 15.72 57.82 30.20
CA PRO B 1254 16.20 59.54 33.56
CA ARG B 1255 18.22 58.99 36.74
CA GLU B 1264 28.67 53.20 11.27
CA MET B 1265 31.99 52.67 12.99
CA ASP B 1266 31.96 48.94 13.66
CA THR B 1267 32.52 46.62 15.30
CA GLY B 1268 33.08 45.02 11.87
CA THR B 1269 32.56 47.06 8.70
CA LEU B 1270 31.04 50.48 8.06
CA SER B 1271 30.39 49.39 4.48
CA ARG B 1272 27.61 47.19 3.20
CA ASN B 1273 28.05 43.48 3.75
CA GLY B 1274 26.64 40.43 5.73
CA ASP B 1275 26.83 38.24 8.82
CA LEU B 1276 30.31 36.03 8.61
CA LEU B 1277 31.36 33.60 11.36
CA TYR B 1278 33.19 30.80 9.77
CA SER B 1279 33.69 26.92 9.80
CA PRO B 1280 33.57 25.92 6.17
CA VAL B 1281 31.41 28.75 4.87
CA ALA B 1282 31.40 29.02 0.99
CA ASN B 1283 27.97 30.67 0.52
CA GLY B 1284 28.58 33.73 -1.76
CA GLN B 1285 30.51 36.42 0.11
CA MET C 1 -27.64 -32.60 37.15
CA TRP C 2 -26.57 -33.94 40.58
CA HIS C 3 -25.57 -32.23 43.80
CA TYR C 4 -24.42 -33.89 47.01
CA THR C 5 -22.39 -32.50 49.83
CA SER C 6 -22.02 -35.35 52.19
CA ILE C 7 -19.04 -37.55 52.74
CA ASN C 8 -16.78 -35.06 51.02
CA ASN C 9 -18.05 -36.78 47.87
CA ASP C 10 -18.91 -33.87 45.76
CA THR C 11 -20.55 -35.53 42.88
CA ARG C 12 -21.53 -32.97 40.29
CA VAL C 13 -23.97 -34.53 37.88
CA ALA C 14 -23.27 -33.31 34.26
CA LEU C 15 -22.74 -36.04 31.70
CA ASP C 16 -20.87 -36.66 28.45
CA PRO C 17 -20.74 -38.91 25.38
CA LYS C 18 -23.37 -41.59 26.23
CA PRO C 19 -24.56 -43.25 29.42
CA ASN C 20 -27.19 -42.35 32.08
CA GLN C 21 -28.78 -42.42 35.51
CA ILE C 22 -27.73 -41.37 39.00
CA ARG C 23 -28.77 -42.91 42.22
CA THR C 24 -27.39 -43.05 45.78
CA ILE C 25 -29.37 -43.97 48.85
CA THR C 26 -28.44 -44.50 52.48
CA SER C 48 -14.61 -32.68 32.86
CA HIS C 49 -13.97 -34.46 36.20
CA THR C 50 -12.36 -32.84 39.17
CA LEU C 51 -10.70 -34.86 41.98
CA ARG C 52 -7.71 -35.99 44.04
CA LEU C 53 -9.55 -38.42 46.25
CA LEU C 54 -12.34 -37.13 48.48
CA GLY C 55 -14.99 -36.91 45.84
CA PRO C 56 -16.13 -34.42 43.22
CA PHE C 57 -17.59 -35.34 39.85
CA GLN C 58 -18.61 -33.21 36.94
CA TYR C 59 -18.80 -33.74 33.13
CA PHE C 60 -20.57 -31.45 30.69
CA ASN C 61 -22.22 -30.96 27.29
CA PHE C 62 -25.94 -31.68 27.59
CA SER C 63 -26.98 -35.35 28.19
CA GLU C 64 -29.36 -37.02 30.75
CA THR C 65 -26.72 -38.17 33.20
CA ASP C 66 -29.18 -38.49 36.04
CA ARG C 67 -29.19 -35.25 37.82
CA GLY C 68 -30.30 -34.40 41.32
CA HIS C 69 -33.52 -33.22 43.06
CA PRO C 70 -36.95 -34.70 43.60
CA LEU C 71 -38.75 -33.45 46.66
CA PHE C 72 -39.14 -30.42 48.95
CA ARG C 73 -40.44 -30.17 52.56
CA LEU C 74 -42.79 -27.51 53.92
CA PRO C 75 -41.68 -26.54 57.48
CA LEU C 76 -43.90 -29.35 58.95
CA LYS C 77 -46.69 -31.36 57.16
CA TYR C 78 -46.56 -33.41 53.95
CA PRO C 79 -48.53 -36.04 51.95
CA SER C 80 -51.59 -37.12 50.01
CA LYS C 81 -51.93 -37.67 46.30
CA ALA C 82 -48.12 -37.91 45.65
CA ILE C 83 -47.64 -34.37 46.90
CA PRO C 84 -49.22 -31.09 47.73
CA ALA C 85 -52.53 -31.66 45.89
CA ASP C 86 -53.89 -28.12 46.11
CA GLU C 87 -52.47 -27.76 42.60
CA LEU C 88 -54.70 -30.59 41.28
CA ILE C 89 -57.84 -28.54 42.11
CA ASP C 90 -56.28 -25.56 40.41
CA ASN C 91 -55.04 -27.90 37.69
CA LEU C 92 -58.75 -28.02 36.66
CA HIS C 93 -58.80 -24.21 36.78
CA SER C 94 -55.27 -23.96 35.34
CA TRP C 95 -55.47 -26.22 32.26
CA MET C 96 -59.24 -25.95 31.60
CA ARG C 97 -58.89 -22.16 31.59
CA SER C 98 -56.41 -22.40 28.70
CA VAL C 99 -58.65 -24.73 26.72
CA HIS C 100 -61.60 -22.41 27.28
CA LEU C 101 -59.46 -19.48 26.05
CA LEU C 102 -57.54 -21.74 23.71
CA HIS C 103 -60.82 -22.67 21.94
CA VAL C 104 -61.49 -18.90 22.05
CA ARG C 105 -58.21 -18.29 20.23
CA SER C 106 -60.18 -19.98 17.51
CA GLU C 107 -63.35 -18.18 16.34
CA ASP C 108 -61.38 -14.95 16.40
CA ASN C 109 -57.75 -14.30 15.38
CA THR C 110 -55.70 -13.74 18.49
CA LEU C 111 -55.01 -10.04 18.04
CA ARG C 112 -52.37 -9.95 20.77
CA TYR C 113 -53.62 -9.90 24.35
CA ASN C 114 -53.30 -12.56 27.11
CA TRP C 115 -54.20 -16.33 27.35
CA MET C 116 -52.66 -19.17 29.27
CA LEU C 117 -52.69 -19.85 32.97
CA GLY C 118 -49.62 -19.68 35.14
CA VAL C 119 -47.11 -22.48 34.50
CA TYR C 120 -45.58 -25.05 32.09
CA ALA C 121 -44.75 -28.77 32.52
CA ARG C 122 -45.23 -28.66 36.29
CA SER C 123 -46.90 -31.28 38.38
CA THR C 124 -47.35 -31.23 42.19
CA ASN C 125 -45.22 -28.02 42.49
CA TYR C 126 -42.33 -29.36 40.38
CA THR C 127 -41.72 -27.47 37.09
CA THR C 128 -40.13 -28.55 33.88
CA PRO C 129 -38.58 -27.76 30.49
CA VAL C 130 -38.89 -27.02 26.77
CA GLY C 131 -36.80 -28.98 24.28
CA GLN C 132 -36.53 -30.91 20.94
CA LEU C 133 -33.78 -33.09 19.47
CA VAL C 134 -30.59 -34.41 21.08
CA VAL C 135 -27.13 -34.17 19.53
CA ASN C 136 -25.27 -34.86 16.37
CA ALA C 137 -28.28 -35.24 14.12
CA PRO C 138 -29.21 -37.66 11.43
CA ALA C 139 -31.15 -39.97 13.71
CA ILE C 140 -34.20 -39.73 11.55
CA LEU C 141 -33.80 -43.18 10.03
CA ASN C 142 -36.30 -44.86 7.87
CA TYR C 143 -37.13 -48.34 6.58
CA SER C 144 -40.19 -49.20 8.50
CA ASN C 145 -41.77 -48.73 11.88
CA PRO C 146 -45.11 -47.43 13.29
CA GLN C 147 -46.49 -45.98 16.58
CA ASP C 148 -48.92 -43.62 18.17
CA ALA C 149 -49.04 -40.07 16.67
CA PHE C 150 -46.81 -37.22 15.47
CA ASN C 151 -43.84 -36.82 17.74
CA SER C 152 -41.08 -35.27 15.66
CA VAL C 153 -42.24 -31.91 14.24
CA PHE C 154 -44.10 -29.57 11.87
CA VAL C 155 -43.41 -29.51 8.15
CA ALA C 156 -44.94 -29.21 4.69
CA LEU C 157 -43.53 -30.09 1.27
CA GLY C 158 -44.70 -29.78 -2.26
CA ILE C 159 -45.66 -33.27 -3.09
CA ASP C 160 -46.74 -36.50 -1.32
CA TYR C 161 -49.71 -37.50 0.73
CA ILE C 162 -51.98 -37.86 -2.38
CA ASP C 163 -52.22 -41.59 -1.97
CA ILE C 164 -52.91 -41.50 1.72
CA PRO C 165 -55.77 -39.14 1.00
CA ILE C 166 -57.37 -40.76 -1.97
CA THR C 167 -57.57 -43.83 0.35
CA ASN C 168 -61.32 -44.39 0.12
CA SER C 169 -64.43 -45.13 2.25
CA ASN C 170 -66.75 -42.79 4.24
CA ILE C 171 -67.83 -41.31 7.54
CA PHE C 172 -65.71 -40.83 10.73
CA ASP C 173 -63.07 -42.76 12.67
CA ASP C 174 -59.43 -42.86 13.65
CA SER C 175 -55.97 -42.82 12.03
CA SER C 176 -52.57 -41.85 13.47
CA THR C 177 -53.12 -38.57 11.72
CA PRO C 178 -52.96 -34.74 11.65
CA TYR C 179 -53.84 -32.28 8.95
CA ASN C 180 -54.23 -34.90 6.19
CA VAL C 181 -55.21 -38.61 6.76
CA ARG C 182 -58.33 -40.78 6.24
CA ILE C 183 -59.59 -44.32 6.98
CA TRP C 184 -58.49 -47.04 4.60
CA HIS C 185 -56.95 -50.51 5.02
CA ALA C 186 -53.38 -51.55 5.71
CA PRO C 187 -51.42 -48.32 5.25
CA THR C 188 -47.82 -49.26 5.48
CA MET C 189 -47.06 -48.45 1.88
CA THR C 190 -48.23 -44.96 2.73
CA GLU C 191 -46.04 -44.79 5.81
CA VAL C 192 -43.01 -45.66 3.66
CA ASN C 193 -43.66 -43.06 0.99
CA HIS C 194 -43.88 -40.39 3.69
CA ILE C 195 -40.61 -41.52 5.23
CA LEU C 196 -38.85 -41.61 1.82
CA ALA C 197 -40.12 -38.13 0.99
CA LEU C 198 -38.65 -37.14 4.41
CA MET C 199 -35.53 -35.18 5.48
CA ARG C 200 -32.65 -33.00 4.28
CA LYS C 201 -30.39 -30.93 6.55
CA SER C 202 -26.87 -30.38 7.78
CA THR C 203 -24.34 -32.74 9.30
CA LEU C 204 -23.06 -31.32 12.59
CA VAL C 205 -20.88 -33.61 14.61
CA SER C 206 -19.29 -32.11 17.76
CA THR C 207 -19.21 -32.72 21.56
CA HIS C 208 -22.16 -31.03 23.12
CA SER C 209 -25.60 -29.38 23.03
CA SER C 210 -28.58 -28.86 20.63
CA TRP C 211 -30.33 -28.96 17.31
CA HIS C 212 -32.72 -26.55 15.58
CA TRP C 213 -35.83 -24.60 14.72
CA ASP C 214 -35.21 -26.09 11.19
CA VAL C 215 -38.32 -27.36 9.28
CA LEU C 216 -40.06 -24.04 8.94
CA HIS C 217 -36.96 -22.20 7.78
CA THR C 218 -37.08 -24.76 4.87
CA PHE C 219 -40.79 -24.89 3.86
CA HIS C 220 -39.96 -23.19 0.60
CA TYR C 221 -36.22 -22.51 0.83
CA ARG C 222 -35.09 -19.85 -1.54
CA SER C 223 -34.61 -16.34 -0.08
CA GLU C 224 -34.36 -14.89 3.44
CA SER C 225 -33.39 -17.29 6.35
CA ASP C 226 -31.70 -19.81 3.95
CA MET C 227 -28.07 -19.24 4.96
CA ILE C 228 -26.49 -22.42 3.65
CA ASP C 229 -23.38 -21.87 5.70
CA HIS C 230 -24.19 -21.71 9.44
CA PHE C 231 -27.03 -21.32 11.91
CA ALA C 232 -28.56 -24.91 11.97
CA ALA C 233 -25.11 -26.12 12.97
CA LYS C 234 -24.99 -24.16 16.15
CA ILE C 235 -26.78 -24.02 19.51
CA LEU C 236 -26.60 -24.15 23.26
CA GLU C 237 -27.51 -21.73 26.02
CA ASP C 238 -31.19 -21.21 25.09
CA TRP C 239 -32.09 -17.71 23.90
CA ARG C 240 -28.44 -16.72 24.20
CA GLN C 241 -27.51 -18.79 21.12
CA LYS C 242 -30.32 -18.53 18.50
CA GLU C 243 -31.99 -15.24 19.58
CA LYS C 244 -29.07 -12.85 18.96
CA LEU C 245 -28.26 -14.73 15.76
CA ASP C 246 -31.69 -13.71 14.46
CA LYS C 247 -30.35 -10.18 14.46
CA GLY C 248 -27.02 -11.00 12.72
CA ALA C 249 -28.84 -13.22 10.26
CA LEU C 250 -30.97 -10.21 9.28
CA VAL C 251 -32.99 -7.81 11.33
CA GLU C 252 -35.45 -7.91 14.32
CA ALA C 253 -38.87 -8.89 12.99
CA ASP C 254 -40.43 -12.07 14.43
CA ARG C 255 -44.22 -12.59 13.76
CA VAL C 256 -45.59 -15.91 14.66
CA VAL C 257 -49.18 -16.93 13.88
CA GLN C 258 -51.70 -19.68 13.47
CA ARG C 259 -55.10 -18.90 11.90
CA LEU C 260 -54.32 -15.12 12.22
CA ILE C 261 -52.09 -12.55 13.80
CA PRO C 262 -49.66 -13.72 16.58
CA LEU C 263 -46.81 -11.91 18.44
CA SER C 264 -44.30 -14.44 19.53
CA SER C 265 -43.23 -15.27 23.05
CA SER C 266 -42.63 -18.24 25.49
CA THR C 267 -42.33 -19.89 28.90
CA TYR C 268 -44.45 -22.98 28.34
CA VAL C 269 -47.68 -21.40 29.53
CA GLN C 270 -47.27 -17.79 28.42
CA ARG C 271 -49.21 -16.28 25.62
CA LEU C 272 -49.83 -13.36 23.41
CA ALA C 273 -51.87 -13.80 20.20
CA ALA C 274 -49.29 -16.30 19.30
CA ILE C 275 -52.08 -18.78 18.28
CA SER C 291 -66.45 -26.58 21.41
CA ARG C 292 -67.08 -24.94 24.81
CA LEU C 293 -67.00 -21.24 23.80
CA SER C 294 -70.79 -20.79 23.67
CA THR C 295 -70.99 -22.10 27.25
CA ALA C 296 -68.10 -20.00 28.52
CA LEU C 297 -69.93 -16.93 27.15
CA LEU C 298 -73.14 -17.94 28.80
CA GLN C 299 -71.44 -18.64 32.13
CA LEU C 300 -69.71 -15.26 31.94
CA SER C 301 -73.02 -13.52 31.18
CA ASP C 302 -74.78 -15.37 34.00
CA THR C 303 -72.00 -14.39 36.45
CA TYR C 304 -72.15 -10.74 35.31
CA TYR C 305 -75.93 -10.97 35.64
CA GLN C 306 -75.43 -12.29 39.17
CA HIS C 307 -74.24 -9.74 41.65
CA ALA C 308 -72.67 -7.65 44.42
CA ASN C 309 -69.28 -9.04 44.99
CA ASP C 310 -68.88 -9.82 41.28
CA GLN C 311 -70.17 -6.30 40.45
CA LEU C 312 -67.76 -3.69 41.83
CA ARG C 313 -65.03 -6.08 41.00
CA ARG C 314 -65.82 -6.32 37.24
CA LEU C 315 -65.74 -2.50 36.47
CA TYR C 316 -62.01 -2.59 36.67
CA ARG C 317 -62.05 -5.70 34.30
CA ARG C 318 -59.40 -4.02 32.11
CA MET C 319 -56.31 -5.53 30.47
CA TYR C 320 -53.23 -6.81 32.37
CA ASN C 321 -52.48 -9.15 35.37
CA ASP C 322 -53.50 -8.04 38.85
CA SER C 323 -53.19 -9.38 42.34
CA ARG C 324 -55.05 -10.61 45.34
CA THR C 325 -53.08 -13.73 46.20
CA LEU C 326 -50.97 -16.34 44.30
CA TYR C 327 -50.29 -20.04 44.52
CA MET C 328 -51.25 -23.32 46.10
CA THR C 329 -49.45 -25.50 48.66
CA GLN C 330 -48.17 -25.06 52.21
CA ARG C 331 -46.65 -21.60 52.37
CA HIS C 332 -46.93 -20.75 48.76
CA GLN C 333 -47.99 -17.32 47.53
CA GLU C 334 -46.31 -16.35 44.39
CA LEU C 335 -43.02 -17.10 46.26
CA LEU C 336 -42.74 -19.67 43.48
CA LEU C 337 -42.14 -16.80 40.98
CA ALA C 338 -40.02 -15.27 43.75
CA GLN C 339 -37.44 -18.14 43.03
CA ILE C 340 -37.34 -18.37 39.23
CA THR C 341 -36.91 -14.56 39.03
CA ALA C 342 -34.13 -14.49 41.72
CA ASP C 343 -31.19 -16.91 41.11
CA PRO C 344 -30.78 -17.26 37.37
CA ASN C 345 -32.13 -13.87 36.16
CA ILE C 346 -35.74 -14.89 35.34
CA LEU C 347 -37.43 -15.61 32.08
CA LEU C 348 -35.15 -15.90 29.13
CA TYR C 349 -36.65 -18.20 26.49
CA PRO C 350 -37.68 -16.54 23.27
CA TYR C 351 -39.56 -13.25 22.63
CA THR C 352 -40.13 -12.78 18.89
CA TYR C 353 -38.92 -9.27 18.04
CA ILE C 354 -35.48 -10.18 19.28
CA PHE C 355 -32.87 -8.95 21.77
CA THR C 356 -32.98 -8.98 25.55
CA THR C 357 -35.12 -7.13 28.10
CA ALA C 358 -38.43 -5.44 28.29
CA TYR C 359 -39.70 -2.05 27.44
CA THR C 360 -39.16 -2.45 23.68
CA SER C 361 -41.16 -5.62 23.60
CA MET C 362 -44.06 -4.15 25.61
CA ASN C 363 -44.04 -1.06 23.35
CA TYR C 364 -44.12 -3.27 20.26
CA ILE C 365 -46.89 -5.44 21.67
CA SER C 366 -48.95 -2.36 22.47
CA ASN C 367 -48.36 -1.11 18.80
CA THR C 368 -52.08 -1.40 18.01
CA GLY C 369 -54.47 -4.35 17.81
CA GLN C 370 -57.50 -6.11 19.37
CA GLY C 371 -60.94 -5.14 20.54
CA ARG C 372 -64.55 -6.15 21.23
CA ILE C 373 -65.75 -9.57 22.30
CA LYS C 374 -62.30 -9.92 23.85
CA HIS C 375 -63.29 -7.92 26.81
CA SER C 376 -66.53 -9.90 27.29
CA LEU C 377 -64.29 -12.98 27.32
CA ALA C 378 -62.05 -11.36 30.06
CA VAL C 379 -65.05 -10.45 32.27
CA THR C 380 -65.78 -14.11 32.74
CA GLY C 381 -62.11 -14.92 32.78
CA THR C 382 -61.89 -15.72 36.46
CA THR C 383 -61.09 -19.10 38.03
CA GLU C 384 -64.71 -19.46 39.15
CA HIS C 385 -65.66 -22.79 37.57
CA THR C 386 -66.87 -24.26 40.91
CA ILE C 387 -69.90 -21.77 40.94
CA ALA C 388 -70.99 -23.58 37.83
CA ASP C 389 -73.44 -25.31 40.17
CA ILE C 390 -75.18 -21.97 40.59
CA THR C 391 -78.65 -23.09 39.66
#